data_5BTO
#
_entry.id   5BTO
#
_cell.length_a   52.913
_cell.length_b   104.515
_cell.length_c   78.705
_cell.angle_alpha   90.00
_cell.angle_beta   98.10
_cell.angle_gamma   90.00
#
_symmetry.space_group_name_H-M   'P 1 21 1'
#
loop_
_entity.id
_entity.type
_entity.pdbx_description
1 polymer SsRai1
2 water water
#
_entity_poly.entity_id   1
_entity_poly.type   'polypeptide(L)'
_entity_poly.pdbx_seq_one_letter_code
;LVPAGSHMMKTLSLQSRAKTTALKQPKEIFAFARDIDGEFVYDQKIVKDENVSYYYLPDSKIDGSIDLQAGYAKFKKIPE
EKNMSDMKCLLTALTKYEQEHNNGEKVNVDIITYRGLMTKLLALPYNLNDPVDLNVLAYDGQLFINSDEEIELARRKEED
EHKQQSMTPEKYDHMKRCEFSGYKFEAIATLPKPWADCSRQQIDKRGKKMVNNYEQYISVIKTGIGEAKMLLAGEVDCVW
DYIPEDGKDVLSHYMELKTTRILESNGQVVNFEKKLFKTWAQCFLMGIRKVVYGFRDDSFFLRDVELYKTEEIPLLIKNN
ALTENKSGGKINCTTALKWYGAVIEWLLQEIPRDDTSKAYRVSFDPSTRTFTLRELMGNENSRLRNGEMLTSEFKQWRES
IQK
;
_entity_poly.pdbx_strand_id   A,B
#
# COMPACT_ATOMS: atom_id res chain seq x y z
N LEU A 1 -7.14 25.24 -5.16
CA LEU A 1 -8.09 25.20 -6.28
C LEU A 1 -7.71 24.25 -7.39
N VAL A 2 -6.69 23.43 -7.14
CA VAL A 2 -6.43 22.30 -8.01
C VAL A 2 -6.63 20.99 -7.24
N PRO A 3 -7.21 19.99 -7.91
CA PRO A 3 -7.48 18.70 -7.27
C PRO A 3 -6.17 18.08 -6.81
N ALA A 4 -6.21 17.38 -5.67
CA ALA A 4 -5.02 16.73 -5.12
C ALA A 4 -4.59 15.59 -6.03
N GLY A 5 -5.56 15.04 -6.74
CA GLY A 5 -5.29 13.96 -7.69
C GLY A 5 -6.39 13.97 -8.72
N SER A 6 -6.12 13.40 -9.90
CA SER A 6 -7.13 13.31 -10.94
C SER A 6 -8.21 12.30 -10.55
N HIS A 7 -9.46 12.61 -10.89
CA HIS A 7 -10.56 11.69 -10.60
C HIS A 7 -10.51 10.48 -11.52
N MET A 8 -9.62 10.53 -12.49
CA MET A 8 -9.45 9.39 -13.39
C MET A 8 -8.23 8.55 -13.06
N MET A 9 -7.73 8.68 -11.83
CA MET A 9 -6.54 7.95 -11.38
C MET A 9 -6.74 7.27 -10.01
N LYS A 10 -6.19 6.05 -9.87
CA LYS A 10 -6.20 5.29 -8.61
C LYS A 10 -4.76 4.99 -8.18
N THR A 11 -4.53 4.83 -6.88
CA THR A 11 -3.17 4.64 -6.36
C THR A 11 -3.03 3.34 -5.60
N LEU A 12 -1.92 2.63 -5.82
CA LEU A 12 -1.59 1.44 -5.07
C LEU A 12 -0.42 1.72 -4.15
N SER A 13 -0.57 1.43 -2.86
CA SER A 13 0.52 1.61 -1.89
C SER A 13 1.73 0.77 -2.27
N LEU A 14 2.91 1.36 -2.20
CA LEU A 14 4.14 0.60 -2.43
C LEU A 14 4.31 -0.50 -1.37
N GLN A 15 3.58 -0.36 -0.26
CA GLN A 15 3.65 -1.33 0.82
C GLN A 15 2.72 -2.54 0.61
N SER A 16 1.96 -2.54 -0.49
CA SER A 16 0.96 -3.59 -0.69
C SER A 16 1.66 -4.94 -0.89
N ARG A 17 1.13 -5.98 -0.26
CA ARG A 17 1.75 -7.31 -0.33
C ARG A 17 0.68 -8.39 -0.41
N ALA A 18 0.79 -9.26 -1.41
CA ALA A 18 -0.08 -10.43 -1.47
C ALA A 18 0.42 -11.52 -0.54
N LYS A 19 -0.46 -12.42 -0.16
CA LYS A 19 -0.03 -13.60 0.58
C LYS A 19 0.81 -14.45 -0.37
N THR A 20 1.79 -15.16 0.17
CA THR A 20 2.59 -16.06 -0.65
C THR A 20 1.69 -17.18 -1.15
N THR A 21 1.75 -17.47 -2.45
CA THR A 21 0.89 -18.48 -3.04
C THR A 21 1.73 -19.56 -3.72
N ALA A 22 1.09 -20.68 -4.00
CA ALA A 22 1.75 -21.83 -4.63
C ALA A 22 2.55 -21.45 -5.88
N LEU A 23 3.75 -22.00 -5.99
CA LEU A 23 4.58 -21.78 -7.17
C LEU A 23 3.89 -22.31 -8.43
N LYS A 24 3.82 -21.47 -9.46
CA LYS A 24 3.28 -21.87 -10.75
C LYS A 24 4.41 -22.37 -11.63
N GLN A 25 4.18 -23.46 -12.36
CA GLN A 25 5.20 -23.95 -13.29
C GLN A 25 4.94 -23.46 -14.70
N PRO A 26 5.81 -22.59 -15.21
CA PRO A 26 5.63 -22.07 -16.56
C PRO A 26 5.80 -23.17 -17.61
N LYS A 27 5.16 -22.98 -18.75
CA LYS A 27 5.25 -23.92 -19.86
C LYS A 27 5.27 -23.16 -21.19
N GLU A 28 6.25 -23.45 -22.04
CA GLU A 28 6.28 -22.83 -23.35
C GLU A 28 5.14 -23.34 -24.21
N ILE A 29 4.47 -22.44 -24.91
CA ILE A 29 3.43 -22.87 -25.86
C ILE A 29 3.77 -22.56 -27.32
N PHE A 30 4.59 -21.54 -27.56
CA PHE A 30 5.11 -21.25 -28.90
C PHE A 30 6.34 -20.37 -28.83
N ALA A 31 7.02 -20.19 -29.96
CA ALA A 31 8.16 -19.31 -30.01
C ALA A 31 8.14 -18.54 -31.32
N PHE A 32 8.88 -17.44 -31.36
CA PHE A 32 9.15 -16.77 -32.62
C PHE A 32 10.55 -16.15 -32.57
N ALA A 33 11.03 -15.63 -33.68
CA ALA A 33 12.38 -15.08 -33.70
C ALA A 33 12.49 -13.85 -34.58
N ARG A 34 13.54 -13.07 -34.35
CA ARG A 34 13.91 -12.01 -35.28
C ARG A 34 15.25 -12.43 -35.88
N ASP A 35 15.36 -12.41 -37.21
CA ASP A 35 16.57 -12.88 -37.84
C ASP A 35 17.63 -11.80 -38.00
N ILE A 36 18.75 -12.16 -38.62
CA ILE A 36 19.88 -11.26 -38.77
C ILE A 36 19.51 -10.02 -39.59
N ASP A 37 18.54 -10.17 -40.50
CA ASP A 37 18.09 -9.07 -41.31
C ASP A 37 16.98 -8.26 -40.63
N GLY A 38 16.61 -8.68 -39.42
CA GLY A 38 15.61 -7.95 -38.66
C GLY A 38 14.18 -8.35 -38.99
N GLU A 39 14.05 -9.42 -39.78
CA GLU A 39 12.72 -9.93 -40.14
C GLU A 39 12.24 -10.95 -39.11
N PHE A 40 10.93 -11.03 -38.92
CA PHE A 40 10.37 -11.97 -37.95
C PHE A 40 10.07 -13.35 -38.55
N VAL A 41 10.31 -14.38 -37.74
CA VAL A 41 10.11 -15.76 -38.14
C VAL A 41 9.08 -16.41 -37.21
N TYR A 42 8.06 -17.04 -37.78
CA TYR A 42 6.92 -17.53 -37.00
C TYR A 42 6.69 -19.04 -37.07
N ASP A 43 7.23 -19.69 -38.09
CA ASP A 43 7.07 -21.12 -38.25
C ASP A 43 7.85 -21.86 -37.17
N GLN A 44 7.17 -22.75 -36.44
CA GLN A 44 7.77 -23.36 -35.27
C GLN A 44 8.99 -24.22 -35.62
N LYS A 45 8.89 -24.99 -36.69
CA LYS A 45 9.99 -25.85 -37.08
C LYS A 45 11.22 -25.02 -37.44
N ILE A 46 11.03 -24.01 -38.28
CA ILE A 46 12.11 -23.13 -38.70
C ILE A 46 12.74 -22.37 -37.52
N VAL A 47 11.90 -21.85 -36.63
CA VAL A 47 12.42 -21.14 -35.46
C VAL A 47 13.31 -22.06 -34.62
N LYS A 48 12.83 -23.27 -34.37
CA LYS A 48 13.56 -24.22 -33.55
C LYS A 48 14.82 -24.75 -34.25
N ASP A 49 14.76 -24.94 -35.56
CA ASP A 49 15.88 -25.52 -36.30
C ASP A 49 16.97 -24.52 -36.68
N GLU A 50 16.62 -23.25 -36.79
CA GLU A 50 17.52 -22.28 -37.40
C GLU A 50 17.81 -21.05 -36.54
N ASN A 51 17.01 -20.83 -35.51
CA ASN A 51 17.10 -19.58 -34.77
C ASN A 51 17.42 -19.74 -33.28
N VAL A 52 17.96 -20.90 -32.91
CA VAL A 52 18.28 -21.24 -31.53
C VAL A 52 19.78 -21.46 -31.39
N SER A 53 20.40 -20.84 -30.38
CA SER A 53 21.83 -21.06 -30.08
C SER A 53 22.03 -22.14 -29.01
N TYR A 54 23.21 -22.76 -29.01
CA TYR A 54 23.55 -23.82 -28.06
C TYR A 54 24.83 -23.49 -27.29
N TYR A 55 24.77 -23.58 -25.96
CA TYR A 55 25.92 -23.24 -25.13
C TYR A 55 27.15 -24.08 -25.48
N TYR A 56 28.30 -23.43 -25.54
CA TYR A 56 29.55 -24.17 -25.71
C TYR A 56 30.73 -23.33 -25.27
N LEU A 57 31.29 -23.65 -24.12
CA LEU A 57 32.46 -22.93 -23.61
C LEU A 57 33.29 -23.78 -22.65
N SER A 65 43.98 -13.95 -23.50
CA SER A 65 42.98 -15.00 -23.50
C SER A 65 41.77 -14.64 -24.37
N ILE A 66 40.60 -14.55 -23.76
CA ILE A 66 39.39 -14.18 -24.49
C ILE A 66 39.02 -12.72 -24.24
N ASP A 67 39.06 -11.92 -25.30
CA ASP A 67 38.88 -10.48 -25.21
C ASP A 67 37.46 -10.13 -25.63
N LEU A 68 36.64 -9.72 -24.66
CA LEU A 68 35.22 -9.47 -24.93
C LEU A 68 34.93 -8.12 -25.57
N GLN A 69 35.94 -7.29 -25.76
CA GLN A 69 35.74 -6.08 -26.55
C GLN A 69 36.30 -6.25 -27.96
N ALA A 70 36.81 -7.43 -28.25
CA ALA A 70 37.38 -7.69 -29.58
C ALA A 70 36.30 -7.75 -30.65
N GLY A 71 36.58 -7.18 -31.81
CA GLY A 71 35.62 -7.14 -32.89
C GLY A 71 34.59 -6.04 -32.72
N TYR A 72 34.77 -5.21 -31.71
CA TYR A 72 33.81 -4.16 -31.40
C TYR A 72 33.51 -3.28 -32.60
N ALA A 73 34.53 -3.05 -33.43
CA ALA A 73 34.45 -2.16 -34.58
C ALA A 73 33.33 -2.55 -35.55
N LYS A 74 32.97 -3.83 -35.57
CA LYS A 74 32.03 -4.33 -36.56
C LYS A 74 30.65 -4.64 -35.95
N PHE A 75 30.46 -4.27 -34.69
CA PHE A 75 29.20 -4.55 -34.02
C PHE A 75 28.02 -4.06 -34.87
N LYS A 76 27.15 -4.98 -35.25
CA LYS A 76 25.96 -4.63 -36.01
C LYS A 76 24.80 -4.39 -35.04
N LYS A 77 24.60 -3.12 -34.70
CA LYS A 77 23.67 -2.73 -33.65
C LYS A 77 22.39 -2.18 -34.24
N ILE A 78 21.27 -2.81 -33.91
CA ILE A 78 19.97 -2.38 -34.40
C ILE A 78 19.59 -1.05 -33.75
N PRO A 79 19.05 -0.11 -34.55
CA PRO A 79 18.68 1.20 -34.03
C PRO A 79 17.66 1.07 -32.90
N GLU A 80 17.94 1.68 -31.76
CA GLU A 80 17.14 1.48 -30.55
C GLU A 80 15.66 1.84 -30.73
N GLU A 81 15.37 2.66 -31.73
CA GLU A 81 13.99 3.02 -32.04
C GLU A 81 13.34 1.98 -32.96
N LYS A 82 14.12 0.96 -33.31
CA LYS A 82 13.62 -0.18 -34.06
C LYS A 82 13.67 -1.41 -33.16
N ASN A 83 13.84 -1.19 -31.86
CA ASN A 83 14.06 -2.28 -30.93
C ASN A 83 13.19 -2.18 -29.67
N MET A 84 12.13 -1.38 -29.74
CA MET A 84 11.18 -1.29 -28.64
C MET A 84 10.25 -2.51 -28.64
N SER A 85 9.88 -2.98 -27.45
CA SER A 85 8.99 -4.11 -27.32
C SER A 85 7.74 -3.91 -28.17
N ASP A 86 7.40 -4.91 -28.95
CA ASP A 86 6.41 -4.79 -30.00
C ASP A 86 5.26 -5.78 -29.82
N MET A 87 4.09 -5.29 -29.47
CA MET A 87 2.94 -6.17 -29.29
C MET A 87 2.52 -6.78 -30.63
N LYS A 88 2.83 -6.10 -31.73
CA LYS A 88 2.40 -6.54 -33.05
C LYS A 88 2.93 -7.93 -33.40
N CYS A 89 4.23 -8.12 -33.23
CA CYS A 89 4.82 -9.42 -33.54
C CYS A 89 4.33 -10.51 -32.58
N LEU A 90 4.20 -10.18 -31.30
CA LEU A 90 3.64 -11.10 -30.33
C LEU A 90 2.23 -11.53 -30.75
N LEU A 91 1.40 -10.57 -31.15
CA LEU A 91 0.04 -10.90 -31.59
C LEU A 91 0.03 -11.72 -32.87
N THR A 92 0.97 -11.45 -33.76
CA THR A 92 1.08 -12.26 -34.97
C THR A 92 1.38 -13.72 -34.61
N ALA A 93 2.33 -13.92 -33.71
CA ALA A 93 2.68 -15.27 -33.29
C ALA A 93 1.53 -15.93 -32.52
N LEU A 94 0.83 -15.16 -31.69
CA LEU A 94 -0.27 -15.70 -30.89
C LEU A 94 -1.43 -16.13 -31.78
N THR A 95 -1.71 -15.34 -32.80
CA THR A 95 -2.77 -15.67 -33.74
C THR A 95 -2.49 -17.02 -34.40
N LYS A 96 -1.25 -17.20 -34.83
CA LYS A 96 -0.85 -18.45 -35.48
C LYS A 96 -1.03 -19.62 -34.52
N TYR A 97 -0.61 -19.43 -33.27
CA TYR A 97 -0.80 -20.46 -32.27
C TYR A 97 -2.27 -20.82 -32.05
N GLU A 98 -3.13 -19.81 -31.93
CA GLU A 98 -4.53 -20.07 -31.65
C GLU A 98 -5.18 -20.83 -32.81
N GLN A 99 -4.86 -20.41 -34.02
CA GLN A 99 -5.37 -21.07 -35.23
C GLN A 99 -4.89 -22.52 -35.39
N GLU A 100 -3.62 -22.76 -35.10
CA GLU A 100 -3.00 -24.04 -35.48
C GLU A 100 -2.86 -25.06 -34.36
N HIS A 101 -2.83 -24.59 -33.12
CA HIS A 101 -2.57 -25.49 -32.01
C HIS A 101 -3.58 -25.40 -30.87
N ASN A 102 -4.44 -24.38 -30.90
CA ASN A 102 -5.40 -24.26 -29.82
C ASN A 102 -6.83 -24.47 -30.31
N ASN A 103 -6.98 -25.21 -31.40
CA ASN A 103 -8.29 -25.56 -31.92
C ASN A 103 -9.15 -24.34 -32.23
N GLY A 104 -8.51 -23.25 -32.64
CA GLY A 104 -9.20 -22.06 -33.07
C GLY A 104 -9.86 -21.29 -31.95
N GLU A 105 -9.38 -21.50 -30.72
CA GLU A 105 -9.88 -20.75 -29.58
C GLU A 105 -8.79 -19.83 -29.03
N LYS A 106 -9.20 -18.77 -28.34
CA LYS A 106 -8.25 -17.83 -27.76
C LYS A 106 -7.48 -18.52 -26.64
N VAL A 107 -6.23 -18.12 -26.44
CA VAL A 107 -5.40 -18.68 -25.38
C VAL A 107 -6.07 -18.40 -24.03
N ASN A 108 -5.97 -19.38 -23.13
CA ASN A 108 -6.67 -19.30 -21.86
C ASN A 108 -5.85 -18.60 -20.77
N VAL A 109 -5.73 -17.28 -20.91
CA VAL A 109 -5.05 -16.45 -19.90
C VAL A 109 -5.80 -15.15 -19.66
N ASP A 110 -5.43 -14.47 -18.57
CA ASP A 110 -6.03 -13.18 -18.22
C ASP A 110 -5.21 -12.03 -18.75
N ILE A 111 -3.90 -12.22 -18.84
CA ILE A 111 -2.99 -11.13 -19.21
C ILE A 111 -1.99 -11.61 -20.27
N ILE A 112 -1.74 -10.76 -21.26
CA ILE A 112 -0.80 -11.07 -22.34
C ILE A 112 0.24 -9.94 -22.37
N THR A 113 1.52 -10.26 -22.20
CA THR A 113 2.53 -9.21 -22.10
C THR A 113 3.93 -9.76 -22.29
N TYR A 114 4.91 -8.90 -22.07
CA TYR A 114 6.32 -9.28 -22.19
C TYR A 114 6.98 -9.44 -20.81
N ARG A 115 7.89 -10.41 -20.73
CA ARG A 115 8.60 -10.70 -19.49
C ARG A 115 9.32 -9.49 -18.93
N GLY A 116 9.93 -8.69 -19.80
CA GLY A 116 10.73 -7.56 -19.35
C GLY A 116 9.87 -6.55 -18.61
N LEU A 117 8.62 -6.40 -19.03
CA LEU A 117 7.74 -5.44 -18.39
C LEU A 117 7.35 -5.93 -16.99
N MET A 118 7.13 -7.24 -16.86
CA MET A 118 6.78 -7.81 -15.57
C MET A 118 8.00 -7.80 -14.63
N THR A 119 9.18 -8.01 -15.19
CA THR A 119 10.40 -7.88 -14.41
C THR A 119 10.55 -6.49 -13.78
N LYS A 120 10.19 -5.46 -14.53
CA LYS A 120 10.22 -4.10 -13.98
C LYS A 120 9.31 -3.96 -12.76
N LEU A 121 8.14 -4.61 -12.81
CA LEU A 121 7.23 -4.56 -11.68
C LEU A 121 7.77 -5.37 -10.49
N LEU A 122 8.30 -6.56 -10.79
CA LEU A 122 8.78 -7.44 -9.74
C LEU A 122 9.99 -6.84 -9.01
N ALA A 123 10.83 -6.13 -9.75
CA ALA A 123 12.09 -5.61 -9.20
C ALA A 123 11.94 -4.23 -8.59
N LEU A 124 10.76 -3.64 -8.76
CA LEU A 124 10.51 -2.24 -8.35
C LEU A 124 10.87 -1.87 -6.90
N PRO A 125 10.53 -2.73 -5.92
CA PRO A 125 10.79 -2.35 -4.52
C PRO A 125 12.26 -2.02 -4.25
N TYR A 126 13.16 -2.57 -5.06
CA TYR A 126 14.60 -2.40 -4.82
C TYR A 126 15.24 -1.57 -5.91
N ASN A 127 14.39 -0.91 -6.69
CA ASN A 127 14.82 -0.03 -7.78
C ASN A 127 13.94 1.21 -7.84
N LEU A 128 13.88 1.94 -6.73
CA LEU A 128 12.88 3.00 -6.58
C LEU A 128 13.19 4.25 -7.38
N ASN A 129 14.35 4.29 -8.03
CA ASN A 129 14.70 5.45 -8.86
C ASN A 129 14.36 5.24 -10.34
N ASP A 130 13.89 4.04 -10.69
CA ASP A 130 13.59 3.71 -12.07
C ASP A 130 12.10 3.89 -12.37
N PRO A 131 11.77 4.74 -13.35
CA PRO A 131 10.36 4.92 -13.73
C PRO A 131 9.79 3.70 -14.43
N VAL A 132 8.48 3.52 -14.30
CA VAL A 132 7.76 2.48 -15.04
C VAL A 132 6.54 3.12 -15.68
N ASP A 133 6.32 2.86 -16.96
CA ASP A 133 5.10 3.31 -17.62
C ASP A 133 4.58 2.23 -18.56
N LEU A 134 3.38 1.74 -18.28
CA LEU A 134 2.79 0.67 -19.07
C LEU A 134 1.41 1.04 -19.56
N ASN A 135 1.09 0.66 -20.79
CA ASN A 135 -0.26 0.80 -21.31
C ASN A 135 -0.98 -0.52 -21.11
N VAL A 136 -2.23 -0.46 -20.68
CA VAL A 136 -3.02 -1.65 -20.42
C VAL A 136 -4.38 -1.49 -21.03
N LEU A 137 -4.88 -2.52 -21.71
CA LEU A 137 -6.26 -2.41 -22.18
C LEU A 137 -6.94 -3.76 -22.22
N ALA A 138 -8.25 -3.73 -22.01
CA ALA A 138 -9.06 -4.92 -22.02
C ALA A 138 -9.60 -5.17 -23.42
N TYR A 139 -9.46 -6.41 -23.88
CA TYR A 139 -10.01 -6.80 -25.15
C TYR A 139 -10.29 -8.29 -25.11
N ASP A 140 -11.46 -8.70 -25.62
CA ASP A 140 -11.83 -10.10 -25.62
C ASP A 140 -11.62 -10.77 -24.27
N GLY A 141 -11.96 -10.06 -23.19
CA GLY A 141 -11.89 -10.63 -21.85
C GLY A 141 -10.49 -10.79 -21.30
N GLN A 142 -9.52 -10.12 -21.92
CA GLN A 142 -8.11 -10.27 -21.55
C GLN A 142 -7.44 -8.90 -21.45
N LEU A 143 -6.40 -8.80 -20.61
CA LEU A 143 -5.62 -7.57 -20.55
C LEU A 143 -4.35 -7.67 -21.37
N PHE A 144 -4.11 -6.68 -22.21
CA PHE A 144 -2.89 -6.60 -23.00
C PHE A 144 -2.03 -5.47 -22.45
N ILE A 145 -0.76 -5.77 -22.16
CA ILE A 145 0.11 -4.80 -21.50
C ILE A 145 1.39 -4.61 -22.29
N ASN A 146 1.71 -3.36 -22.64
CA ASN A 146 2.99 -3.06 -23.27
C ASN A 146 3.55 -1.75 -22.76
N SER A 147 4.83 -1.51 -23.02
CA SER A 147 5.39 -0.19 -22.79
C SER A 147 4.81 0.79 -23.81
N ASP A 148 4.92 2.08 -23.51
CA ASP A 148 4.43 3.09 -24.42
C ASP A 148 5.54 3.58 -25.36
N GLU A 149 5.29 3.48 -26.66
CA GLU A 149 6.30 3.78 -27.68
C GLU A 149 6.90 5.18 -27.51
N GLU A 150 6.04 6.19 -27.42
CA GLU A 150 6.51 7.57 -27.35
C GLU A 150 7.32 7.81 -26.07
N ILE A 151 6.80 7.34 -24.94
CA ILE A 151 7.47 7.53 -23.66
C ILE A 151 8.84 6.85 -23.67
N GLU A 152 8.88 5.63 -24.21
CA GLU A 152 10.15 4.90 -24.30
C GLU A 152 11.16 5.62 -25.18
N LEU A 153 10.70 6.17 -26.30
CA LEU A 153 11.58 6.89 -27.21
C LEU A 153 12.18 8.11 -26.52
N ALA A 154 11.32 8.89 -25.87
CA ALA A 154 11.75 10.09 -25.19
C ALA A 154 12.69 9.77 -24.04
N ARG A 155 12.44 8.66 -23.37
CA ARG A 155 13.18 8.29 -22.17
C ARG A 155 14.63 7.89 -22.46
N ARG A 156 14.83 7.08 -23.49
CA ARG A 156 16.17 6.65 -23.84
C ARG A 156 17.04 7.81 -24.33
N LYS A 157 16.43 8.69 -25.12
CA LYS A 157 17.12 9.88 -25.60
C LYS A 157 17.46 10.81 -24.44
N GLU A 158 16.50 10.99 -23.54
CA GLU A 158 16.70 11.77 -22.33
C GLU A 158 17.91 11.23 -21.57
N GLU A 159 17.94 9.92 -21.37
CA GLU A 159 19.04 9.28 -20.65
C GLU A 159 20.38 9.42 -21.37
N ASP A 160 20.35 9.35 -22.70
CA ASP A 160 21.58 9.46 -23.48
C ASP A 160 22.15 10.88 -23.40
N GLU A 161 21.28 11.88 -23.53
CA GLU A 161 21.70 13.26 -23.37
C GLU A 161 22.30 13.44 -21.99
N HIS A 162 21.66 12.84 -21.00
CA HIS A 162 22.12 12.93 -19.62
C HIS A 162 23.53 12.36 -19.49
N LYS A 163 23.83 11.34 -20.29
CA LYS A 163 25.14 10.72 -20.28
C LYS A 163 26.21 11.60 -20.91
N GLN A 164 25.94 12.08 -22.13
CA GLN A 164 26.85 12.99 -22.79
C GLN A 164 27.15 14.15 -21.85
N GLN A 165 26.09 14.64 -21.21
CA GLN A 165 26.17 15.79 -20.33
C GLN A 165 26.98 15.51 -19.07
N SER A 166 27.09 14.24 -18.69
CA SER A 166 27.73 13.89 -17.42
C SER A 166 28.99 13.04 -17.57
N MET A 167 29.24 12.54 -18.77
CA MET A 167 30.37 11.65 -18.99
C MET A 167 31.42 12.22 -19.93
N THR A 168 32.67 11.84 -19.70
CA THR A 168 33.75 12.13 -20.62
C THR A 168 33.54 11.32 -21.89
N PRO A 169 34.17 11.73 -22.99
CA PRO A 169 34.05 10.95 -24.23
C PRO A 169 34.54 9.52 -24.02
N GLU A 170 35.54 9.36 -23.16
CA GLU A 170 36.14 8.05 -22.91
C GLU A 170 35.23 7.15 -22.07
N LYS A 171 34.63 7.69 -21.02
CA LYS A 171 33.73 6.90 -20.17
C LYS A 171 32.41 6.63 -20.88
N TYR A 172 32.00 7.57 -21.72
CA TYR A 172 30.83 7.37 -22.56
C TYR A 172 31.12 6.19 -23.49
N ASP A 173 32.34 6.18 -24.03
CA ASP A 173 32.80 5.11 -24.91
C ASP A 173 32.90 3.79 -24.15
N HIS A 174 33.39 3.86 -22.92
CA HIS A 174 33.50 2.68 -22.08
C HIS A 174 32.15 2.02 -21.87
N MET A 175 31.10 2.83 -21.72
CA MET A 175 29.76 2.31 -21.50
C MET A 175 29.25 1.56 -22.73
N LYS A 176 29.61 2.04 -23.92
CA LYS A 176 29.18 1.37 -25.15
C LYS A 176 29.88 0.03 -25.33
N ARG A 177 31.15 -0.02 -24.96
CA ARG A 177 31.90 -1.28 -25.01
C ARG A 177 31.39 -2.31 -24.02
N CYS A 178 30.98 -1.85 -22.84
CA CYS A 178 30.35 -2.75 -21.86
C CYS A 178 29.09 -3.41 -22.45
N GLU A 179 28.30 -2.64 -23.19
CA GLU A 179 27.10 -3.18 -23.81
C GLU A 179 27.48 -4.23 -24.84
N PHE A 180 28.49 -3.93 -25.65
CA PHE A 180 28.96 -4.85 -26.67
C PHE A 180 29.44 -6.16 -26.07
N SER A 181 30.18 -6.06 -24.96
CA SER A 181 30.78 -7.22 -24.32
C SER A 181 29.77 -8.32 -23.98
N GLY A 182 28.53 -7.93 -23.68
CA GLY A 182 27.50 -8.91 -23.36
C GLY A 182 27.13 -9.73 -24.59
N TYR A 183 26.94 -9.04 -25.71
CA TYR A 183 26.67 -9.71 -26.98
C TYR A 183 27.87 -10.53 -27.45
N LYS A 184 29.08 -10.02 -27.21
CA LYS A 184 30.29 -10.74 -27.58
C LYS A 184 30.39 -12.04 -26.79
N PHE A 185 30.08 -11.97 -25.49
CA PHE A 185 30.12 -13.15 -24.66
C PHE A 185 29.16 -14.20 -25.20
N GLU A 186 27.95 -13.80 -25.57
CA GLU A 186 27.00 -14.75 -26.13
C GLU A 186 27.59 -15.42 -27.36
N ALA A 187 28.21 -14.60 -28.21
CA ALA A 187 28.76 -15.10 -29.47
C ALA A 187 29.86 -16.13 -29.26
N ILE A 188 30.78 -15.87 -28.34
CA ILE A 188 31.91 -16.76 -28.13
C ILE A 188 31.56 -17.95 -27.25
N ALA A 189 30.41 -17.89 -26.58
CA ALA A 189 30.00 -18.92 -25.64
C ALA A 189 28.91 -19.84 -26.17
N THR A 190 28.56 -19.68 -27.45
CA THR A 190 27.55 -20.53 -28.07
C THR A 190 27.91 -21.00 -29.48
N LEU A 191 27.16 -21.99 -29.96
CA LEU A 191 27.22 -22.44 -31.35
C LEU A 191 25.85 -22.26 -31.97
N PRO A 192 25.79 -22.05 -33.29
CA PRO A 192 24.52 -21.79 -33.98
C PRO A 192 23.65 -23.04 -34.14
N LYS A 193 24.27 -24.20 -33.96
CA LYS A 193 23.58 -25.48 -34.06
C LYS A 193 24.18 -26.44 -33.04
N PRO A 194 23.50 -27.57 -32.78
CA PRO A 194 24.15 -28.58 -31.94
C PRO A 194 25.49 -28.96 -32.55
N TRP A 195 26.44 -29.32 -31.70
CA TRP A 195 27.82 -29.62 -32.12
C TRP A 195 27.91 -30.46 -33.39
N ALA A 196 27.16 -31.56 -33.43
CA ALA A 196 27.28 -32.51 -34.53
C ALA A 196 26.99 -31.90 -35.90
N ASP A 197 26.36 -30.71 -35.91
CA ASP A 197 25.91 -30.11 -37.16
C ASP A 197 26.65 -28.83 -37.54
N CYS A 198 27.77 -28.55 -36.88
CA CYS A 198 28.45 -27.26 -37.10
C CYS A 198 29.60 -27.23 -38.10
N SER A 199 29.82 -28.32 -38.82
CA SER A 199 30.84 -28.33 -39.88
C SER A 199 32.12 -27.62 -39.46
N MET A 210 31.46 -12.17 -36.44
CA MET A 210 30.80 -10.88 -36.26
C MET A 210 29.70 -10.95 -35.23
N VAL A 211 29.52 -9.88 -34.46
CA VAL A 211 28.52 -9.83 -33.40
C VAL A 211 27.41 -8.86 -33.76
N ASN A 212 26.17 -9.24 -33.44
CA ASN A 212 25.00 -8.43 -33.74
C ASN A 212 23.92 -8.56 -32.66
N ASN A 213 23.02 -7.58 -32.62
CA ASN A 213 21.89 -7.68 -31.70
C ASN A 213 20.54 -7.70 -32.43
N TYR A 214 20.59 -7.98 -33.72
CA TYR A 214 19.36 -8.18 -34.51
C TYR A 214 18.71 -9.51 -34.14
N GLU A 215 19.52 -10.55 -34.05
CA GLU A 215 19.01 -11.90 -33.84
C GLU A 215 18.47 -12.08 -32.44
N GLN A 216 17.20 -12.51 -32.37
CA GLN A 216 16.53 -12.77 -31.11
C GLN A 216 15.69 -14.04 -31.20
N TYR A 217 15.76 -14.86 -30.16
CA TYR A 217 14.90 -16.04 -30.05
C TYR A 217 13.93 -15.79 -28.89
N ILE A 218 12.63 -15.84 -29.18
CA ILE A 218 11.63 -15.44 -28.19
C ILE A 218 10.75 -16.61 -27.83
N SER A 219 10.77 -16.99 -26.55
CA SER A 219 9.90 -18.02 -26.03
C SER A 219 8.63 -17.38 -25.47
N VAL A 220 7.49 -17.97 -25.77
CA VAL A 220 6.23 -17.49 -25.20
C VAL A 220 5.62 -18.57 -24.34
N ILE A 221 5.36 -18.23 -23.08
CA ILE A 221 5.00 -19.21 -22.07
C ILE A 221 3.66 -18.90 -21.45
N LYS A 222 3.01 -19.94 -20.94
CA LYS A 222 1.84 -19.75 -20.07
C LYS A 222 2.33 -19.92 -18.65
N THR A 223 1.90 -19.01 -17.78
CA THR A 223 2.29 -19.10 -16.38
C THR A 223 1.21 -18.41 -15.56
N GLY A 224 1.52 -18.09 -14.33
CA GLY A 224 0.53 -17.45 -13.48
C GLY A 224 1.14 -16.92 -12.22
N ILE A 225 0.35 -16.13 -11.50
CA ILE A 225 0.72 -15.68 -10.17
C ILE A 225 -0.60 -15.51 -9.44
N GLY A 226 -0.67 -16.02 -8.22
CA GLY A 226 -1.93 -16.08 -7.51
C GLY A 226 -3.00 -16.73 -8.35
N GLU A 227 -4.13 -16.04 -8.53
CA GLU A 227 -5.24 -16.56 -9.33
C GLU A 227 -5.15 -16.15 -10.80
N ALA A 228 -4.16 -15.31 -11.13
CA ALA A 228 -4.03 -14.77 -12.48
C ALA A 228 -3.29 -15.73 -13.40
N LYS A 229 -3.82 -15.92 -14.62
CA LYS A 229 -3.13 -16.68 -15.65
C LYS A 229 -2.52 -15.68 -16.64
N MET A 230 -1.27 -15.92 -17.03
CA MET A 230 -0.57 -14.95 -17.86
C MET A 230 0.19 -15.61 -19.01
N LEU A 231 0.24 -14.91 -20.14
CA LEU A 231 1.07 -15.31 -21.26
C LEU A 231 2.24 -14.33 -21.26
N LEU A 232 3.47 -14.83 -21.18
CA LEU A 232 4.64 -13.96 -21.17
C LEU A 232 5.58 -14.30 -22.31
N ALA A 233 5.99 -13.29 -23.06
CA ALA A 233 6.99 -13.47 -24.12
C ALA A 233 8.36 -12.98 -23.61
N GLY A 234 9.40 -13.77 -23.84
CA GLY A 234 10.72 -13.38 -23.39
C GLY A 234 11.85 -13.93 -24.24
N GLU A 235 12.85 -13.10 -24.51
CA GLU A 235 14.05 -13.57 -25.20
C GLU A 235 14.80 -14.59 -24.36
N VAL A 236 15.30 -15.62 -25.05
CA VAL A 236 16.05 -16.70 -24.43
C VAL A 236 17.40 -16.77 -25.11
N ASP A 237 18.47 -16.87 -24.34
CA ASP A 237 19.82 -16.73 -24.90
C ASP A 237 20.30 -18.00 -25.60
N CYS A 238 20.09 -19.15 -24.98
CA CYS A 238 20.56 -20.40 -25.57
C CYS A 238 19.93 -21.63 -24.94
N VAL A 239 20.20 -22.79 -25.55
CA VAL A 239 19.86 -24.08 -24.99
C VAL A 239 21.13 -24.64 -24.38
N TRP A 240 21.04 -25.20 -23.17
CA TRP A 240 22.25 -25.77 -22.56
C TRP A 240 22.54 -27.20 -22.96
N ASP A 241 21.51 -27.96 -23.30
CA ASP A 241 21.76 -29.33 -23.76
C ASP A 241 21.11 -29.65 -25.10
N TYR A 242 19.79 -29.76 -25.12
CA TYR A 242 19.07 -30.11 -26.34
C TYR A 242 17.62 -29.65 -26.23
N ILE A 243 16.95 -29.55 -27.38
CA ILE A 243 15.52 -29.24 -27.39
C ILE A 243 14.69 -30.52 -27.32
N ASP A 249 8.64 -30.16 -21.85
CA ASP A 249 9.31 -29.37 -20.82
C ASP A 249 10.52 -28.65 -21.40
N VAL A 250 10.32 -27.96 -22.51
CA VAL A 250 11.44 -27.31 -23.16
C VAL A 250 12.10 -26.20 -22.31
N LEU A 251 11.32 -25.49 -21.50
CA LEU A 251 11.91 -24.39 -20.69
C LEU A 251 13.10 -24.83 -19.86
N SER A 252 13.02 -26.05 -19.34
CA SER A 252 14.07 -26.56 -18.46
C SER A 252 15.38 -26.75 -19.19
N HIS A 253 15.36 -26.62 -20.52
CA HIS A 253 16.55 -26.79 -21.35
C HIS A 253 17.20 -25.49 -21.79
N TYR A 254 16.61 -24.37 -21.37
CA TYR A 254 17.10 -23.05 -21.73
C TYR A 254 18.07 -22.50 -20.66
N MET A 255 18.89 -21.54 -21.05
CA MET A 255 19.84 -20.93 -20.12
C MET A 255 20.03 -19.46 -20.50
N GLU A 256 20.24 -18.63 -19.49
CA GLU A 256 20.54 -17.22 -19.68
C GLU A 256 22.05 -17.00 -19.64
N LEU A 257 22.54 -16.03 -20.42
CA LEU A 257 23.97 -15.68 -20.43
C LEU A 257 24.15 -14.20 -20.14
N LYS A 258 24.96 -13.89 -19.12
CA LYS A 258 25.15 -12.50 -18.70
C LYS A 258 26.63 -12.24 -18.45
N THR A 259 27.00 -10.97 -18.40
CA THR A 259 28.36 -10.57 -18.04
C THR A 259 28.36 -9.47 -17.01
N THR A 260 29.48 -9.35 -16.30
CA THR A 260 29.64 -8.27 -15.32
C THR A 260 31.14 -8.15 -15.02
N ARG A 261 31.53 -7.06 -14.36
CA ARG A 261 32.93 -6.87 -14.02
C ARG A 261 33.33 -7.81 -12.90
N ILE A 262 34.59 -8.26 -12.91
CA ILE A 262 35.11 -9.07 -11.81
C ILE A 262 34.89 -8.39 -10.47
N LEU A 263 34.74 -9.20 -9.43
CA LEU A 263 34.36 -8.73 -8.10
C LEU A 263 35.61 -8.38 -7.29
N GLU A 264 36.21 -7.24 -7.58
CA GLU A 264 37.49 -6.89 -6.96
C GLU A 264 37.36 -5.92 -5.79
N SER A 265 36.13 -5.57 -5.44
CA SER A 265 35.90 -4.67 -4.30
C SER A 265 34.47 -4.85 -3.81
N ASN A 266 34.19 -4.37 -2.60
CA ASN A 266 32.84 -4.43 -2.06
C ASN A 266 31.86 -3.70 -2.97
N GLY A 267 32.30 -2.56 -3.50
CA GLY A 267 31.50 -1.81 -4.44
C GLY A 267 31.07 -2.59 -5.66
N GLN A 268 31.95 -3.45 -6.16
CA GLN A 268 31.63 -4.26 -7.32
C GLN A 268 30.65 -5.36 -6.93
N VAL A 269 30.78 -5.85 -5.70
CA VAL A 269 29.81 -6.83 -5.21
C VAL A 269 28.42 -6.19 -5.16
N VAL A 270 28.39 -4.94 -4.71
CA VAL A 270 27.14 -4.18 -4.72
C VAL A 270 26.52 -4.10 -6.11
N ASN A 271 27.35 -3.72 -7.08
CA ASN A 271 26.89 -3.59 -8.45
C ASN A 271 26.37 -4.92 -8.94
N PHE A 272 27.10 -5.99 -8.63
CA PHE A 272 26.72 -7.31 -9.11
C PHE A 272 25.38 -7.74 -8.52
N GLU A 273 25.19 -7.48 -7.24
CA GLU A 273 23.97 -7.94 -6.58
C GLU A 273 22.71 -7.38 -7.24
N LYS A 274 22.76 -6.10 -7.62
CA LYS A 274 21.63 -5.48 -8.31
C LYS A 274 21.33 -6.22 -9.62
N LYS A 275 22.39 -6.58 -10.34
CA LYS A 275 22.23 -7.25 -11.62
C LYS A 275 21.72 -8.67 -11.41
N LEU A 276 22.29 -9.34 -10.41
CA LEU A 276 21.94 -10.72 -10.13
C LEU A 276 20.47 -10.83 -9.72
N PHE A 277 19.99 -9.87 -8.94
CA PHE A 277 18.58 -9.83 -8.58
C PHE A 277 17.69 -9.67 -9.82
N LYS A 278 18.05 -8.73 -10.70
CA LYS A 278 17.30 -8.57 -11.95
C LYS A 278 17.32 -9.85 -12.79
N THR A 279 18.47 -10.49 -12.86
CA THR A 279 18.57 -11.75 -13.59
C THR A 279 17.69 -12.83 -12.96
N TRP A 280 17.70 -12.93 -11.64
CA TRP A 280 16.80 -13.86 -10.97
C TRP A 280 15.34 -13.57 -11.36
N ALA A 281 14.97 -12.29 -11.31
CA ALA A 281 13.59 -11.93 -11.62
C ALA A 281 13.20 -12.37 -13.02
N GLN A 282 14.06 -12.08 -14.00
CA GLN A 282 13.81 -12.44 -15.40
C GLN A 282 13.67 -13.94 -15.57
N CYS A 283 14.58 -14.68 -14.97
CA CYS A 283 14.60 -16.13 -15.13
C CYS A 283 13.47 -16.80 -14.38
N PHE A 284 13.18 -16.31 -13.18
CA PHE A 284 12.11 -16.87 -12.38
C PHE A 284 10.76 -16.73 -13.08
N LEU A 285 10.50 -15.55 -13.62
CA LEU A 285 9.25 -15.31 -14.34
C LEU A 285 9.11 -16.16 -15.58
N MET A 286 10.23 -16.42 -16.26
CA MET A 286 10.18 -17.20 -17.50
C MET A 286 10.35 -18.70 -17.29
N GLY A 287 10.65 -19.13 -16.07
CA GLY A 287 10.91 -20.54 -15.82
C GLY A 287 12.25 -21.02 -16.36
N ILE A 288 13.20 -20.10 -16.52
CA ILE A 288 14.57 -20.45 -16.94
C ILE A 288 15.33 -20.87 -15.69
N ARG A 289 15.95 -22.04 -15.71
CA ARG A 289 16.49 -22.67 -14.50
C ARG A 289 18.00 -22.50 -14.33
N LYS A 290 18.68 -22.05 -15.39
CA LYS A 290 20.14 -21.91 -15.34
C LYS A 290 20.59 -20.56 -15.88
N VAL A 291 21.61 -19.99 -15.25
CA VAL A 291 22.20 -18.75 -15.70
C VAL A 291 23.71 -18.86 -15.65
N VAL A 292 24.40 -18.41 -16.70
CA VAL A 292 25.86 -18.31 -16.63
C VAL A 292 26.30 -16.85 -16.64
N TYR A 293 27.11 -16.47 -15.66
CA TYR A 293 27.74 -15.15 -15.68
C TYR A 293 29.19 -15.26 -16.09
N GLY A 294 29.59 -14.42 -17.05
CA GLY A 294 31.00 -14.25 -17.37
C GLY A 294 31.52 -12.99 -16.70
N PHE A 295 32.66 -13.12 -16.03
CA PHE A 295 33.25 -12.02 -15.27
C PHE A 295 34.47 -11.49 -16.01
N ARG A 296 34.51 -10.19 -16.27
CA ARG A 296 35.57 -9.63 -17.10
C ARG A 296 36.29 -8.49 -16.40
N ASP A 297 37.54 -8.25 -16.78
CA ASP A 297 38.31 -7.18 -16.16
C ASP A 297 38.21 -5.87 -16.92
N ASP A 298 39.00 -4.87 -16.50
CA ASP A 298 39.02 -3.56 -17.15
C ASP A 298 39.36 -3.61 -18.63
N SER A 299 40.20 -4.57 -19.02
CA SER A 299 40.60 -4.70 -20.41
C SER A 299 39.63 -5.59 -21.15
N PHE A 300 38.55 -5.97 -20.46
CA PHE A 300 37.48 -6.78 -21.02
C PHE A 300 37.90 -8.24 -21.27
N PHE A 301 38.99 -8.67 -20.65
CA PHE A 301 39.36 -10.08 -20.67
C PHE A 301 38.41 -10.88 -19.79
N LEU A 302 37.93 -12.00 -20.33
CA LEU A 302 37.10 -12.92 -19.56
C LEU A 302 37.98 -13.68 -18.58
N ARG A 303 37.72 -13.49 -17.29
CA ARG A 303 38.57 -14.08 -16.25
C ARG A 303 37.92 -15.26 -15.54
N ASP A 304 36.59 -15.23 -15.42
CA ASP A 304 35.89 -16.30 -14.74
C ASP A 304 34.50 -16.49 -15.30
N VAL A 305 33.99 -17.72 -15.19
CA VAL A 305 32.63 -18.03 -15.59
C VAL A 305 31.99 -18.80 -14.45
N GLU A 306 30.77 -18.43 -14.08
CA GLU A 306 30.07 -19.12 -13.00
C GLU A 306 28.67 -19.52 -13.44
N LEU A 307 28.33 -20.78 -13.19
CA LEU A 307 27.01 -21.31 -13.45
C LEU A 307 26.15 -21.22 -12.20
N TYR A 308 24.95 -20.65 -12.34
CA TYR A 308 23.99 -20.58 -11.25
C TYR A 308 22.76 -21.41 -11.58
N LYS A 309 22.14 -22.02 -10.59
CA LYS A 309 20.76 -22.43 -10.77
C LYS A 309 19.88 -21.30 -10.25
N THR A 310 18.87 -20.94 -11.00
CA THR A 310 18.01 -19.81 -10.65
C THR A 310 17.52 -19.92 -9.21
N GLU A 311 17.14 -21.12 -8.79
CA GLU A 311 16.51 -21.29 -7.48
C GLU A 311 17.46 -21.06 -6.31
N GLU A 312 18.77 -21.05 -6.57
CA GLU A 312 19.73 -20.83 -5.48
C GLU A 312 20.06 -19.34 -5.30
N ILE A 313 19.62 -18.50 -6.23
CA ILE A 313 19.98 -17.09 -6.17
C ILE A 313 19.39 -16.34 -4.95
N PRO A 314 18.11 -16.58 -4.63
CA PRO A 314 17.56 -15.81 -3.50
C PRO A 314 18.35 -16.01 -2.20
N LEU A 315 18.84 -17.23 -1.95
CA LEU A 315 19.60 -17.48 -0.74
C LEU A 315 21.01 -16.86 -0.80
N LEU A 316 21.63 -16.88 -1.98
CA LEU A 316 22.89 -16.16 -2.14
C LEU A 316 22.75 -14.68 -1.78
N ILE A 317 21.67 -14.07 -2.26
CA ILE A 317 21.42 -12.66 -1.94
C ILE A 317 21.16 -12.45 -0.45
N LYS A 318 20.33 -13.31 0.13
CA LYS A 318 20.02 -13.21 1.55
C LYS A 318 21.28 -13.30 2.41
N ASN A 319 22.18 -14.22 2.04
CA ASN A 319 23.39 -14.45 2.81
C ASN A 319 24.55 -13.48 2.54
N ASN A 320 24.34 -12.52 1.66
CA ASN A 320 25.32 -11.47 1.42
C ASN A 320 25.25 -10.34 2.46
N ALA A 321 26.28 -10.23 3.30
CA ALA A 321 26.31 -9.20 4.33
C ALA A 321 26.13 -7.77 3.80
N LEU A 322 26.81 -7.47 2.70
CA LEU A 322 26.68 -6.16 2.02
C LEU A 322 25.26 -5.99 1.52
N THR A 323 24.78 -4.74 1.41
CA THR A 323 23.34 -4.51 1.31
C THR A 323 22.82 -3.55 0.22
N GLU A 324 21.66 -3.90 -0.34
CA GLU A 324 20.77 -3.01 -1.13
C GLU A 324 20.17 -3.72 -2.36
N SER A 327 9.65 -1.27 1.94
CA SER A 327 10.74 -2.10 1.45
C SER A 327 11.57 -1.38 0.42
N GLY A 328 12.63 -0.74 0.91
CA GLY A 328 13.82 -0.44 0.15
C GLY A 328 14.84 -1.30 0.88
N GLY A 329 16.11 -0.90 0.92
CA GLY A 329 17.09 -1.63 1.69
C GLY A 329 17.46 -3.00 1.15
N LYS A 330 17.79 -3.92 2.04
CA LYS A 330 18.22 -5.28 1.66
C LYS A 330 17.24 -5.96 0.70
N ILE A 331 17.76 -6.42 -0.45
CA ILE A 331 16.93 -7.15 -1.41
C ILE A 331 16.42 -8.44 -0.77
N ASN A 332 15.14 -8.71 -0.96
CA ASN A 332 14.50 -9.93 -0.46
C ASN A 332 13.58 -10.41 -1.57
N CYS A 333 13.89 -11.58 -2.14
CA CYS A 333 13.14 -12.06 -3.29
C CYS A 333 11.70 -12.41 -2.96
N THR A 334 11.47 -12.89 -1.74
CA THR A 334 10.11 -13.22 -1.31
C THR A 334 9.23 -11.98 -1.23
N THR A 335 9.79 -10.91 -0.67
CA THR A 335 9.06 -9.65 -0.57
C THR A 335 8.73 -9.12 -1.97
N ALA A 336 9.71 -9.20 -2.87
CA ALA A 336 9.52 -8.76 -4.25
C ALA A 336 8.33 -9.51 -4.86
N LEU A 337 8.31 -10.82 -4.66
CA LEU A 337 7.25 -11.65 -5.25
C LEU A 337 5.87 -11.33 -4.67
N LYS A 338 5.82 -11.03 -3.37
CA LYS A 338 4.55 -10.62 -2.74
C LYS A 338 4.08 -9.27 -3.28
N TRP A 339 5.00 -8.34 -3.51
CA TRP A 339 4.64 -7.07 -4.16
C TRP A 339 4.10 -7.32 -5.57
N TYR A 340 4.79 -8.15 -6.33
CA TYR A 340 4.37 -8.41 -7.70
C TYR A 340 2.96 -9.03 -7.71
N GLY A 341 2.72 -9.95 -6.79
CA GLY A 341 1.40 -10.58 -6.69
C GLY A 341 0.35 -9.52 -6.38
N ALA A 342 0.70 -8.56 -5.53
CA ALA A 342 -0.26 -7.51 -5.18
C ALA A 342 -0.60 -6.64 -6.39
N VAL A 343 0.42 -6.30 -7.18
CA VAL A 343 0.23 -5.46 -8.34
C VAL A 343 -0.68 -6.15 -9.36
N ILE A 344 -0.37 -7.41 -9.67
CA ILE A 344 -1.14 -8.13 -10.68
C ILE A 344 -2.61 -8.29 -10.22
N GLU A 345 -2.80 -8.68 -8.96
CA GLU A 345 -4.16 -8.81 -8.42
C GLU A 345 -4.93 -7.48 -8.50
N TRP A 346 -4.25 -6.39 -8.16
CA TRP A 346 -4.85 -5.06 -8.18
C TRP A 346 -5.28 -4.67 -9.60
N LEU A 347 -4.41 -4.89 -10.58
CA LEU A 347 -4.75 -4.53 -11.95
C LEU A 347 -5.98 -5.29 -12.41
N LEU A 348 -6.03 -6.58 -12.11
CA LEU A 348 -7.18 -7.38 -12.53
C LEU A 348 -8.48 -6.97 -11.80
N GLN A 349 -8.35 -6.49 -10.56
CA GLN A 349 -9.50 -6.03 -9.79
C GLN A 349 -10.02 -4.67 -10.26
N GLU A 350 -9.10 -3.81 -10.68
CA GLU A 350 -9.44 -2.40 -10.95
C GLU A 350 -9.75 -2.06 -12.41
N ILE A 351 -9.36 -2.93 -13.33
CA ILE A 351 -9.64 -2.67 -14.75
C ILE A 351 -10.77 -3.59 -15.20
N PRO A 352 -11.96 -3.01 -15.48
CA PRO A 352 -13.11 -3.84 -15.90
C PRO A 352 -12.76 -4.70 -17.12
N ARG A 353 -12.95 -6.00 -17.01
CA ARG A 353 -12.45 -6.90 -18.05
C ARG A 353 -13.29 -6.84 -19.31
N ASP A 354 -14.58 -6.51 -19.16
CA ASP A 354 -15.48 -6.57 -20.29
C ASP A 354 -15.77 -5.21 -20.92
N ASP A 355 -15.04 -4.18 -20.49
CA ASP A 355 -15.22 -2.84 -21.04
C ASP A 355 -14.10 -2.51 -22.02
N THR A 356 -14.43 -2.55 -23.31
CA THR A 356 -13.46 -2.30 -24.36
C THR A 356 -13.49 -0.86 -24.83
N SER A 357 -14.15 0.01 -24.07
CA SER A 357 -14.24 1.41 -24.47
C SER A 357 -13.11 2.25 -23.91
N LYS A 358 -12.25 1.65 -23.07
CA LYS A 358 -11.24 2.38 -22.32
C LYS A 358 -9.85 1.75 -22.37
N ALA A 359 -8.83 2.56 -22.12
CA ALA A 359 -7.46 2.09 -21.98
C ALA A 359 -6.86 2.74 -20.73
N TYR A 360 -5.82 2.14 -20.19
CA TYR A 360 -5.24 2.58 -18.92
C TYR A 360 -3.72 2.76 -18.98
N ARG A 361 -3.21 3.63 -18.12
CA ARG A 361 -1.78 3.85 -17.94
C ARG A 361 -1.40 3.47 -16.52
N VAL A 362 -0.49 2.51 -16.39
CA VAL A 362 0.09 2.14 -15.11
C VAL A 362 1.43 2.84 -15.02
N SER A 363 1.65 3.60 -13.95
CA SER A 363 2.86 4.39 -13.85
C SER A 363 3.46 4.36 -12.46
N PHE A 364 4.77 4.17 -12.40
CA PHE A 364 5.50 4.44 -11.18
C PHE A 364 6.37 5.67 -11.38
N ASP A 365 6.17 6.67 -10.53
CA ASP A 365 6.89 7.94 -10.59
C ASP A 365 7.92 8.01 -9.47
N PRO A 366 9.21 7.93 -9.83
CA PRO A 366 10.25 7.91 -8.79
C PRO A 366 10.31 9.18 -7.95
N SER A 367 9.97 10.33 -8.54
CA SER A 367 10.10 11.60 -7.84
C SER A 367 9.14 11.67 -6.66
N THR A 368 7.95 11.09 -6.83
CA THR A 368 6.93 11.11 -5.78
C THR A 368 6.77 9.74 -5.12
N ARG A 369 7.43 8.74 -5.71
CA ARG A 369 7.31 7.35 -5.29
C ARG A 369 5.85 6.91 -5.18
N THR A 370 5.09 7.17 -6.23
CA THR A 370 3.70 6.77 -6.27
C THR A 370 3.48 5.80 -7.42
N PHE A 371 2.64 4.80 -7.19
CA PHE A 371 2.27 3.82 -8.20
C PHE A 371 0.80 4.04 -8.51
N THR A 372 0.48 4.37 -9.76
CA THR A 372 -0.87 4.78 -10.10
C THR A 372 -1.42 4.07 -11.33
N LEU A 373 -2.75 4.04 -11.39
CA LEU A 373 -3.49 3.53 -12.54
C LEU A 373 -4.41 4.65 -12.99
N ARG A 374 -4.27 5.07 -14.24
CA ARG A 374 -5.03 6.19 -14.78
C ARG A 374 -5.75 5.81 -16.06
N GLU A 375 -7.00 6.23 -16.19
CA GLU A 375 -7.77 6.01 -17.42
C GLU A 375 -7.32 7.01 -18.48
N LEU A 376 -6.97 6.51 -19.66
CA LEU A 376 -6.55 7.36 -20.77
C LEU A 376 -7.78 7.94 -21.46
N MET A 377 -7.60 9.02 -22.21
CA MET A 377 -8.69 9.61 -22.97
C MET A 377 -8.92 8.82 -24.26
N GLY A 378 -10.00 9.14 -24.96
CA GLY A 378 -10.44 8.34 -26.09
C GLY A 378 -9.44 8.20 -27.23
N ASN A 379 -8.72 9.27 -27.52
CA ASN A 379 -7.81 9.23 -28.66
C ASN A 379 -6.56 8.37 -28.38
N GLU A 380 -6.14 8.31 -27.12
CA GLU A 380 -5.09 7.38 -26.74
C GLU A 380 -5.57 5.94 -26.84
N ASN A 381 -6.77 5.70 -26.33
CA ASN A 381 -7.43 4.41 -26.47
C ASN A 381 -7.48 3.97 -27.94
N SER A 382 -7.94 4.88 -28.79
CA SER A 382 -8.04 4.61 -30.22
C SER A 382 -6.68 4.29 -30.84
N ARG A 383 -5.68 5.10 -30.54
CA ARG A 383 -4.32 4.84 -31.02
C ARG A 383 -3.85 3.42 -30.66
N LEU A 384 -4.09 3.00 -29.42
CA LEU A 384 -3.63 1.67 -28.98
C LEU A 384 -4.42 0.53 -29.61
N ARG A 385 -5.74 0.69 -29.69
CA ARG A 385 -6.60 -0.37 -30.20
C ARG A 385 -6.55 -0.49 -31.71
N ASN A 386 -6.07 0.56 -32.35
CA ASN A 386 -6.09 0.62 -33.82
C ASN A 386 -4.71 0.72 -34.46
N GLY A 387 -3.75 -0.03 -33.92
CA GLY A 387 -2.43 -0.09 -34.54
C GLY A 387 -1.26 -0.32 -33.61
N GLU A 388 -1.12 0.49 -32.56
CA GLU A 388 0.06 0.39 -31.70
C GLU A 388 0.10 -0.89 -30.85
N MET A 389 -1.02 -1.22 -30.22
CA MET A 389 -1.11 -2.43 -29.38
C MET A 389 -1.82 -3.56 -30.13
N LEU A 390 -3.11 -3.38 -30.40
CA LEU A 390 -3.87 -4.37 -31.15
C LEU A 390 -3.67 -4.16 -32.64
N THR A 391 -3.59 -5.26 -33.39
CA THR A 391 -3.46 -5.17 -34.84
C THR A 391 -4.80 -5.53 -35.49
N SER A 392 -5.00 -5.08 -36.72
CA SER A 392 -6.24 -5.40 -37.42
C SER A 392 -6.37 -6.91 -37.64
N GLU A 393 -5.24 -7.56 -37.93
CA GLU A 393 -5.24 -9.00 -38.16
C GLU A 393 -5.67 -9.75 -36.90
N PHE A 394 -5.16 -9.33 -35.75
CA PHE A 394 -5.50 -10.02 -34.52
C PHE A 394 -6.97 -9.83 -34.16
N LYS A 395 -7.47 -8.61 -34.29
CA LYS A 395 -8.86 -8.33 -33.95
C LYS A 395 -9.81 -9.09 -34.86
N GLN A 396 -9.50 -9.13 -36.15
CA GLN A 396 -10.33 -9.85 -37.10
C GLN A 396 -10.38 -11.33 -36.74
N TRP A 397 -9.22 -11.88 -36.38
CA TRP A 397 -9.17 -13.27 -35.96
C TRP A 397 -10.04 -13.51 -34.73
N ARG A 398 -9.85 -12.72 -33.67
CA ARG A 398 -10.61 -12.94 -32.45
C ARG A 398 -12.11 -12.76 -32.67
N GLU A 399 -12.48 -11.81 -33.51
CA GLU A 399 -13.89 -11.60 -33.87
C GLU A 399 -14.48 -12.84 -34.51
N SER A 400 -13.68 -13.51 -35.34
CA SER A 400 -14.18 -14.61 -36.16
C SER A 400 -14.46 -15.86 -35.33
N ILE A 401 -13.87 -15.93 -34.14
CA ILE A 401 -14.07 -17.07 -33.25
C ILE A 401 -15.49 -17.10 -32.70
N MET B 9 -36.73 23.24 26.84
CA MET B 9 -35.66 22.43 27.40
C MET B 9 -36.20 21.23 28.17
N LYS B 10 -35.61 20.07 27.96
CA LYS B 10 -35.99 18.85 28.69
C LYS B 10 -34.82 18.34 29.53
N THR B 11 -35.15 17.64 30.60
CA THR B 11 -34.14 17.21 31.57
C THR B 11 -34.21 15.72 31.85
N LEU B 12 -33.04 15.08 31.81
CA LEU B 12 -32.96 13.64 32.10
C LEU B 12 -32.31 13.45 33.45
N SER B 13 -33.06 12.93 34.42
CA SER B 13 -32.52 12.66 35.74
C SER B 13 -31.27 11.79 35.66
N LEU B 14 -30.25 12.11 36.46
CA LEU B 14 -29.02 11.32 36.48
C LEU B 14 -29.25 9.93 37.03
N GLN B 15 -30.42 9.71 37.64
CA GLN B 15 -30.77 8.41 38.19
C GLN B 15 -31.40 7.50 37.14
N SER B 16 -31.57 8.00 35.93
CA SER B 16 -32.17 7.21 34.86
C SER B 16 -31.35 5.97 34.50
N ARG B 17 -32.04 4.84 34.37
CA ARG B 17 -31.38 3.57 34.06
C ARG B 17 -32.19 2.78 33.01
N ALA B 18 -31.49 2.23 32.02
CA ALA B 18 -32.13 1.40 31.01
C ALA B 18 -32.06 -0.07 31.41
N GLN B 25 -22.56 -6.96 19.28
CA GLN B 25 -21.35 -7.45 18.62
C GLN B 25 -20.90 -6.49 17.53
N PRO B 26 -19.93 -5.62 17.84
CA PRO B 26 -19.47 -4.62 16.87
C PRO B 26 -18.69 -5.22 15.71
N LYS B 27 -18.81 -4.58 14.54
CA LYS B 27 -18.04 -4.96 13.38
C LYS B 27 -17.64 -3.72 12.60
N GLU B 28 -16.39 -3.68 12.14
CA GLU B 28 -15.96 -2.60 11.27
C GLU B 28 -16.59 -2.78 9.89
N ILE B 29 -17.13 -1.68 9.35
CA ILE B 29 -17.65 -1.71 7.99
C ILE B 29 -16.84 -0.85 7.00
N PHE B 30 -16.13 0.15 7.49
CA PHE B 30 -15.16 0.87 6.65
C PHE B 30 -14.17 1.63 7.51
N ALA B 31 -13.13 2.17 6.90
CA ALA B 31 -12.14 2.96 7.63
C ALA B 31 -11.70 4.11 6.75
N PHE B 32 -11.09 5.12 7.37
CA PHE B 32 -10.47 6.19 6.63
C PHE B 32 -9.29 6.69 7.44
N ALA B 33 -8.49 7.56 6.86
CA ALA B 33 -7.30 8.02 7.57
C ALA B 33 -7.05 9.47 7.30
N ARG B 34 -6.30 10.09 8.20
CA ARG B 34 -5.76 11.42 7.95
C ARG B 34 -4.28 11.24 7.75
N ASP B 35 -3.74 11.83 6.68
CA ASP B 35 -2.31 11.68 6.38
C ASP B 35 -1.43 12.72 7.07
N ILE B 36 -0.13 12.64 6.80
CA ILE B 36 0.86 13.44 7.52
C ILE B 36 0.70 14.94 7.23
N ASP B 37 0.01 15.25 6.13
CA ASP B 37 -0.24 16.62 5.75
C ASP B 37 -1.63 17.09 6.16
N GLY B 38 -2.38 16.24 6.86
CA GLY B 38 -3.70 16.60 7.33
C GLY B 38 -4.79 16.37 6.31
N GLU B 39 -4.45 15.73 5.19
CA GLU B 39 -5.44 15.39 4.17
C GLU B 39 -6.06 14.03 4.44
N PHE B 40 -7.31 13.84 4.00
CA PHE B 40 -7.99 12.59 4.28
C PHE B 40 -7.83 11.57 3.16
N VAL B 41 -7.75 10.31 3.56
CA VAL B 41 -7.54 9.19 2.65
C VAL B 41 -8.72 8.25 2.79
N TYR B 42 -9.39 7.97 1.68
CA TYR B 42 -10.64 7.22 1.74
C TYR B 42 -10.65 5.84 1.10
N ASP B 43 -9.67 5.54 0.26
CA ASP B 43 -9.64 4.24 -0.40
C ASP B 43 -9.34 3.14 0.62
N GLN B 44 -10.19 2.13 0.69
CA GLN B 44 -10.08 1.09 1.70
C GLN B 44 -8.75 0.34 1.64
N LYS B 45 -8.30 0.01 0.44
CA LYS B 45 -7.08 -0.75 0.29
C LYS B 45 -5.87 0.06 0.77
N ILE B 46 -5.78 1.32 0.36
CA ILE B 46 -4.61 2.12 0.72
C ILE B 46 -4.59 2.45 2.22
N VAL B 47 -5.77 2.61 2.81
CA VAL B 47 -5.88 2.85 4.23
C VAL B 47 -5.30 1.65 5.02
N LYS B 48 -5.65 0.44 4.58
CA LYS B 48 -5.13 -0.77 5.22
C LYS B 48 -3.65 -1.03 4.89
N ASP B 49 -3.22 -0.66 3.69
CA ASP B 49 -1.86 -0.99 3.25
C ASP B 49 -0.80 -0.06 3.84
N GLU B 50 -1.15 1.19 4.11
CA GLU B 50 -0.12 2.11 4.57
C GLU B 50 -0.54 3.14 5.60
N ASN B 51 -1.73 2.99 6.19
CA ASN B 51 -2.17 3.96 7.21
C ASN B 51 -2.45 3.39 8.60
N VAL B 52 -2.08 2.13 8.85
CA VAL B 52 -2.17 1.61 10.20
C VAL B 52 -0.90 0.85 10.56
N SER B 53 -0.43 1.03 11.79
CA SER B 53 0.82 0.41 12.18
C SER B 53 0.63 -0.91 12.94
N TYR B 54 1.73 -1.62 13.14
CA TYR B 54 1.73 -2.94 13.76
C TYR B 54 2.55 -2.93 15.03
N TYR B 55 2.03 -3.53 16.10
CA TYR B 55 2.70 -3.51 17.40
C TYR B 55 4.02 -4.28 17.37
N TYR B 56 5.04 -3.69 17.98
CA TYR B 56 6.31 -4.36 18.12
C TYR B 56 7.12 -3.73 19.24
N LEU B 57 7.14 -4.41 20.39
CA LEU B 57 7.89 -3.93 21.54
C LEU B 57 8.42 -5.11 22.34
N PRO B 58 9.60 -5.61 21.95
CA PRO B 58 10.26 -6.73 22.63
C PRO B 58 10.53 -6.42 24.10
N ASP B 59 10.50 -7.46 24.94
CA ASP B 59 10.69 -7.30 26.37
C ASP B 59 12.06 -6.74 26.71
N SER B 60 13.04 -7.02 25.85
CA SER B 60 14.42 -6.61 26.11
C SER B 60 14.58 -5.08 26.13
N LYS B 61 13.58 -4.36 25.62
CA LYS B 61 13.69 -2.91 25.53
C LYS B 61 12.89 -2.19 26.61
N ILE B 62 12.21 -2.95 27.45
CA ILE B 62 11.53 -2.38 28.61
C ILE B 62 12.50 -2.44 29.77
N ASP B 63 13.65 -1.79 29.60
CA ASP B 63 14.74 -1.89 30.55
C ASP B 63 15.14 -0.51 31.08
N GLY B 64 14.40 0.51 30.69
CA GLY B 64 14.64 1.86 31.16
C GLY B 64 15.54 2.69 30.27
N SER B 65 15.84 2.19 29.07
CA SER B 65 16.75 2.89 28.16
C SER B 65 16.00 3.75 27.15
N ILE B 66 14.74 3.40 26.89
CA ILE B 66 13.93 4.13 25.91
C ILE B 66 13.41 5.46 26.46
N ASP B 67 13.85 6.57 25.86
CA ASP B 67 13.51 7.91 26.31
C ASP B 67 12.32 8.46 25.53
N LEU B 68 11.18 8.57 26.20
CA LEU B 68 9.94 8.99 25.53
C LEU B 68 9.81 10.51 25.32
N GLN B 69 10.80 11.28 25.74
CA GLN B 69 10.80 12.71 25.42
C GLN B 69 11.81 13.04 24.33
N ALA B 70 12.59 12.05 23.90
CA ALA B 70 13.55 12.26 22.83
C ALA B 70 12.84 12.68 21.54
N GLY B 71 13.28 13.80 20.96
CA GLY B 71 12.72 14.26 19.70
C GLY B 71 11.57 15.24 19.87
N TYR B 72 11.30 15.60 21.11
CA TYR B 72 10.22 16.54 21.41
C TYR B 72 10.28 17.79 20.54
N ALA B 73 11.47 18.36 20.39
CA ALA B 73 11.61 19.61 19.64
C ALA B 73 11.19 19.55 18.18
N LYS B 74 11.21 18.36 17.57
CA LYS B 74 10.78 18.25 16.17
C LYS B 74 9.39 17.63 16.01
N PHE B 75 8.67 17.49 17.13
CA PHE B 75 7.29 17.02 17.10
C PHE B 75 6.50 17.81 16.06
N LYS B 76 5.83 17.11 15.14
CA LYS B 76 5.02 17.78 14.14
C LYS B 76 3.57 17.77 14.63
N LYS B 77 3.12 18.92 15.13
CA LYS B 77 1.87 19.00 15.87
C LYS B 77 0.82 19.78 15.09
N ILE B 78 -0.35 19.17 14.90
CA ILE B 78 -1.43 19.82 14.18
C ILE B 78 -2.05 20.93 15.02
N PRO B 79 -2.31 22.08 14.41
CA PRO B 79 -3.01 23.18 15.10
C PRO B 79 -4.35 22.68 15.63
N GLU B 80 -4.68 22.98 16.88
CA GLU B 80 -5.89 22.45 17.48
C GLU B 80 -7.17 22.86 16.75
N GLU B 81 -7.13 23.98 16.03
CA GLU B 81 -8.31 24.44 15.30
C GLU B 81 -8.66 23.49 14.17
N LYS B 82 -7.69 22.67 13.78
CA LYS B 82 -7.91 21.72 12.69
C LYS B 82 -7.93 20.29 13.24
N ASN B 83 -8.07 20.16 14.55
CA ASN B 83 -8.02 18.83 15.15
C ASN B 83 -9.26 18.47 15.97
N MET B 84 -10.36 19.16 15.73
CA MET B 84 -11.61 18.82 16.38
C MET B 84 -12.33 17.70 15.62
N SER B 85 -13.16 16.95 16.34
CA SER B 85 -13.95 15.89 15.73
C SER B 85 -14.72 16.46 14.55
N ASP B 86 -14.49 15.86 13.40
CA ASP B 86 -14.99 16.39 12.15
C ASP B 86 -16.03 15.47 11.51
N MET B 87 -17.29 15.91 11.51
CA MET B 87 -18.33 15.08 10.92
C MET B 87 -18.20 15.03 9.41
N LYS B 88 -17.58 16.04 8.81
CA LYS B 88 -17.53 16.12 7.35
C LYS B 88 -16.76 14.94 6.75
N CYS B 89 -15.57 14.64 7.28
CA CYS B 89 -14.82 13.51 6.75
C CYS B 89 -15.53 12.18 7.01
N LEU B 90 -16.19 12.08 8.15
CA LEU B 90 -16.97 10.88 8.44
C LEU B 90 -18.06 10.69 7.38
N LEU B 91 -18.76 11.77 7.04
CA LEU B 91 -19.81 11.68 6.03
C LEU B 91 -19.25 11.39 4.64
N THR B 92 -18.05 11.90 4.35
CA THR B 92 -17.43 11.64 3.06
C THR B 92 -17.13 10.15 2.95
N ALA B 93 -16.56 9.59 4.02
CA ALA B 93 -16.25 8.17 4.04
C ALA B 93 -17.54 7.34 4.00
N LEU B 94 -18.57 7.78 4.72
CA LEU B 94 -19.84 7.05 4.75
C LEU B 94 -20.49 7.03 3.38
N THR B 95 -20.45 8.17 2.69
CA THR B 95 -21.00 8.28 1.34
C THR B 95 -20.38 7.23 0.42
N LYS B 96 -19.06 7.15 0.47
CA LYS B 96 -18.31 6.19 -0.34
C LYS B 96 -18.76 4.76 -0.02
N TYR B 97 -18.89 4.47 1.28
CA TYR B 97 -19.28 3.13 1.71
C TYR B 97 -20.65 2.77 1.17
N GLU B 98 -21.59 3.68 1.32
CA GLU B 98 -22.96 3.42 0.89
C GLU B 98 -23.04 3.17 -0.61
N GLN B 99 -22.29 3.97 -1.37
CA GLN B 99 -22.26 3.85 -2.82
C GLN B 99 -21.66 2.53 -3.27
N GLU B 100 -20.55 2.14 -2.62
CA GLU B 100 -19.68 1.10 -3.15
C GLU B 100 -19.82 -0.27 -2.48
N HIS B 101 -20.37 -0.29 -1.26
CA HIS B 101 -20.44 -1.54 -0.50
C HIS B 101 -21.79 -1.81 0.15
N ASN B 102 -22.70 -0.84 0.10
CA ASN B 102 -24.03 -1.06 0.66
C ASN B 102 -25.11 -0.96 -0.40
N ASN B 103 -24.74 -1.27 -1.64
CA ASN B 103 -25.72 -1.31 -2.73
C ASN B 103 -26.49 -0.02 -2.98
N GLY B 104 -25.84 1.10 -2.71
CA GLY B 104 -26.45 2.41 -2.94
C GLY B 104 -27.57 2.71 -1.97
N GLU B 105 -27.55 2.04 -0.82
CA GLU B 105 -28.56 2.26 0.21
C GLU B 105 -27.93 2.87 1.44
N LYS B 106 -28.72 3.63 2.21
CA LYS B 106 -28.19 4.23 3.43
C LYS B 106 -27.86 3.16 4.48
N VAL B 107 -26.81 3.42 5.26
CA VAL B 107 -26.42 2.49 6.32
C VAL B 107 -27.57 2.31 7.32
N ASN B 108 -27.77 1.07 7.74
CA ASN B 108 -28.89 0.74 8.63
C ASN B 108 -28.59 0.98 10.09
N VAL B 109 -28.51 2.26 10.48
CA VAL B 109 -28.36 2.64 11.88
C VAL B 109 -29.29 3.79 12.25
N ASP B 110 -29.44 4.00 13.56
CA ASP B 110 -30.26 5.09 14.09
C ASP B 110 -29.44 6.34 14.37
N ILE B 111 -28.18 6.14 14.73
CA ILE B 111 -27.32 7.22 15.19
C ILE B 111 -25.94 7.11 14.52
N ILE B 112 -25.39 8.25 14.11
CA ILE B 112 -24.07 8.32 13.47
C ILE B 112 -23.22 9.31 14.25
N THR B 113 -22.10 8.84 14.80
CA THR B 113 -21.33 9.70 15.70
C THR B 113 -19.90 9.19 15.88
N TYR B 114 -19.16 9.87 16.76
CA TYR B 114 -17.79 9.50 17.09
C TYR B 114 -17.71 8.81 18.46
N ARG B 115 -16.85 7.80 18.56
CA ARG B 115 -16.69 7.04 19.79
C ARG B 115 -16.34 7.93 20.98
N GLY B 116 -15.51 8.95 20.76
CA GLY B 116 -15.08 9.83 21.83
C GLY B 116 -16.23 10.56 22.50
N LEU B 117 -17.24 10.91 21.72
CA LEU B 117 -18.41 11.61 22.23
C LEU B 117 -19.27 10.67 23.07
N MET B 118 -19.41 9.43 22.62
CA MET B 118 -20.18 8.45 23.38
C MET B 118 -19.44 8.08 24.67
N THR B 119 -18.11 8.08 24.61
CA THR B 119 -17.32 7.84 25.80
C THR B 119 -17.63 8.88 26.88
N LYS B 120 -17.82 10.13 26.47
CA LYS B 120 -18.17 11.19 27.42
C LYS B 120 -19.48 10.89 28.12
N LEU B 121 -20.43 10.30 27.39
CA LEU B 121 -21.74 9.98 27.96
C LEU B 121 -21.64 8.80 28.92
N LEU B 122 -20.91 7.78 28.49
CA LEU B 122 -20.74 6.57 29.27
C LEU B 122 -19.98 6.85 30.58
N ALA B 123 -18.97 7.71 30.49
CA ALA B 123 -18.12 8.00 31.64
C ALA B 123 -18.69 9.05 32.59
N LEU B 124 -19.77 9.71 32.17
CA LEU B 124 -20.33 10.84 32.92
C LEU B 124 -20.60 10.59 34.41
N PRO B 125 -21.26 9.47 34.76
CA PRO B 125 -21.64 9.27 36.17
C PRO B 125 -20.48 9.31 37.15
N TYR B 126 -19.26 9.09 36.68
CA TYR B 126 -18.10 9.10 37.57
C TYR B 126 -17.08 10.16 37.18
N ASN B 127 -17.53 11.09 36.34
CA ASN B 127 -16.76 12.28 35.99
C ASN B 127 -17.67 13.51 35.99
N LEU B 128 -18.35 13.71 37.11
CA LEU B 128 -19.38 14.74 37.21
C LEU B 128 -18.81 16.17 37.16
N ASN B 129 -17.49 16.28 37.16
CA ASN B 129 -16.83 17.57 36.99
C ASN B 129 -16.52 17.95 35.54
N ASP B 130 -16.71 17.01 34.61
CA ASP B 130 -16.45 17.25 33.19
C ASP B 130 -17.72 17.71 32.45
N PRO B 131 -17.63 18.85 31.74
CA PRO B 131 -18.80 19.28 30.96
C PRO B 131 -18.98 18.44 29.70
N VAL B 132 -20.22 18.30 29.25
CA VAL B 132 -20.51 17.68 27.96
C VAL B 132 -21.39 18.62 27.16
N ASP B 133 -21.05 18.83 25.90
CA ASP B 133 -21.89 19.59 24.99
C ASP B 133 -21.88 18.97 23.60
N LEU B 134 -23.05 18.46 23.20
CA LEU B 134 -23.17 17.78 21.92
C LEU B 134 -24.29 18.40 21.10
N ASN B 135 -24.08 18.51 19.80
CA ASN B 135 -25.17 18.85 18.88
C ASN B 135 -25.78 17.57 18.30
N VAL B 136 -27.10 17.53 18.21
CA VAL B 136 -27.80 16.40 17.64
C VAL B 136 -28.81 16.90 16.63
N LEU B 137 -28.84 16.29 15.47
CA LEU B 137 -29.91 16.63 14.54
C LEU B 137 -30.38 15.45 13.72
N ALA B 138 -31.65 15.49 13.35
CA ALA B 138 -32.26 14.44 12.58
C ALA B 138 -32.16 14.74 11.10
N TYR B 139 -31.72 13.76 10.33
CA TYR B 139 -31.67 13.89 8.88
C TYR B 139 -31.82 12.52 8.25
N ASP B 140 -32.71 12.42 7.28
CA ASP B 140 -32.92 11.16 6.57
C ASP B 140 -33.19 10.02 7.56
N GLY B 141 -33.95 10.32 8.61
CA GLY B 141 -34.37 9.32 9.58
C GLY B 141 -33.28 8.83 10.51
N GLN B 142 -32.19 9.56 10.60
CA GLN B 142 -31.06 9.19 11.45
C GLN B 142 -30.65 10.39 12.30
N LEU B 143 -30.06 10.12 13.46
CA LEU B 143 -29.51 11.19 14.30
C LEU B 143 -28.02 11.30 14.10
N PHE B 144 -27.57 12.52 13.82
CA PHE B 144 -26.14 12.83 13.69
C PHE B 144 -25.70 13.59 14.93
N ILE B 145 -24.65 13.10 15.56
CA ILE B 145 -24.19 13.69 16.83
C ILE B 145 -22.73 14.07 16.75
N ASN B 146 -22.44 15.33 17.08
CA ASN B 146 -21.05 15.79 17.12
C ASN B 146 -20.85 16.80 18.21
N SER B 147 -19.60 17.06 18.57
CA SER B 147 -19.33 18.17 19.46
C SER B 147 -19.53 19.47 18.68
N ASP B 148 -19.73 20.56 19.41
CA ASP B 148 -19.93 21.86 18.78
C ASP B 148 -18.60 22.53 18.55
N GLU B 149 -18.31 22.88 17.29
CA GLU B 149 -17.02 23.44 16.93
C GLU B 149 -16.65 24.65 17.77
N GLU B 150 -17.55 25.62 17.85
CA GLU B 150 -17.25 26.87 18.55
C GLU B 150 -16.97 26.63 20.03
N ILE B 151 -17.87 25.90 20.67
CA ILE B 151 -17.74 25.59 22.08
C ILE B 151 -16.44 24.85 22.37
N GLU B 152 -16.14 23.84 21.56
CA GLU B 152 -14.94 23.05 21.75
C GLU B 152 -13.67 23.85 21.57
N LEU B 153 -13.61 24.65 20.51
CA LEU B 153 -12.41 25.44 20.25
C LEU B 153 -12.16 26.38 21.41
N ALA B 154 -13.23 27.02 21.89
CA ALA B 154 -13.12 27.97 22.98
C ALA B 154 -12.71 27.28 24.27
N ARG B 155 -13.24 26.09 24.49
CA ARG B 155 -12.93 25.32 25.68
C ARG B 155 -11.45 24.96 25.70
N ARG B 156 -10.95 24.51 24.55
CA ARG B 156 -9.54 24.12 24.44
C ARG B 156 -8.62 25.32 24.63
N LYS B 157 -9.00 26.44 24.03
CA LYS B 157 -8.24 27.69 24.16
C LYS B 157 -8.18 28.14 25.63
N GLU B 158 -9.35 28.14 26.26
CA GLU B 158 -9.47 28.58 27.66
C GLU B 158 -8.64 27.70 28.59
N GLU B 159 -8.71 26.40 28.37
CA GLU B 159 -8.03 25.45 29.24
C GLU B 159 -6.52 25.54 29.12
N ASP B 160 -6.03 25.76 27.90
CA ASP B 160 -4.60 25.92 27.68
C ASP B 160 -4.12 27.24 28.26
N GLU B 161 -4.92 28.29 28.08
CA GLU B 161 -4.55 29.60 28.62
C GLU B 161 -4.50 29.54 30.14
N HIS B 162 -5.46 28.84 30.73
CA HIS B 162 -5.48 28.66 32.18
C HIS B 162 -4.24 27.90 32.66
N LYS B 163 -3.86 26.86 31.91
CA LYS B 163 -2.67 26.09 32.27
C LYS B 163 -1.42 26.97 32.21
N GLN B 164 -1.26 27.71 31.12
CA GLN B 164 -0.11 28.60 30.96
C GLN B 164 -0.02 29.59 32.11
N GLN B 165 -1.18 30.00 32.62
CA GLN B 165 -1.23 31.05 33.62
C GLN B 165 -1.09 30.54 35.05
N SER B 166 -1.41 29.28 35.27
CA SER B 166 -1.47 28.75 36.63
C SER B 166 -0.31 27.78 36.92
N MET B 167 0.46 27.45 35.90
CA MET B 167 1.57 26.52 36.05
C MET B 167 2.91 27.23 35.89
N THR B 168 3.94 26.74 36.59
CA THR B 168 5.28 27.25 36.35
C THR B 168 5.66 26.90 34.92
N PRO B 169 6.60 27.66 34.33
CA PRO B 169 7.07 27.36 32.97
C PRO B 169 7.55 25.91 32.87
N GLU B 170 8.24 25.44 33.89
CA GLU B 170 8.77 24.07 33.90
C GLU B 170 7.63 23.05 33.86
N LYS B 171 6.63 23.25 34.70
CA LYS B 171 5.53 22.31 34.79
C LYS B 171 4.70 22.30 33.51
N TYR B 172 4.53 23.47 32.90
CA TYR B 172 3.75 23.58 31.68
C TYR B 172 4.47 22.85 30.54
N ASP B 173 5.78 23.04 30.48
CA ASP B 173 6.59 22.36 29.47
C ASP B 173 6.59 20.86 29.74
N HIS B 174 6.63 20.47 31.01
CA HIS B 174 6.58 19.06 31.38
C HIS B 174 5.26 18.44 30.90
N MET B 175 4.17 19.19 31.07
CA MET B 175 2.87 18.72 30.62
C MET B 175 2.86 18.49 29.11
N LYS B 176 3.47 19.41 28.37
CA LYS B 176 3.50 19.29 26.92
C LYS B 176 4.32 18.06 26.52
N ARG B 177 5.39 17.82 27.25
CA ARG B 177 6.24 16.65 26.99
C ARG B 177 5.52 15.33 27.33
N CYS B 178 4.65 15.36 28.33
CA CYS B 178 3.81 14.19 28.62
C CYS B 178 2.89 13.88 27.44
N GLU B 179 2.26 14.92 26.89
CA GLU B 179 1.43 14.75 25.70
C GLU B 179 2.25 14.13 24.57
N PHE B 180 3.42 14.70 24.32
CA PHE B 180 4.31 14.19 23.30
C PHE B 180 4.67 12.72 23.52
N SER B 181 4.94 12.35 24.78
CA SER B 181 5.40 11.00 25.09
C SER B 181 4.41 9.92 24.66
N GLY B 182 3.11 10.23 24.66
CA GLY B 182 2.12 9.30 24.17
C GLY B 182 2.31 8.94 22.71
N TYR B 183 2.54 9.95 21.89
CA TYR B 183 2.79 9.76 20.46
C TYR B 183 4.14 9.11 20.22
N LYS B 184 5.10 9.45 21.07
CA LYS B 184 6.43 8.87 20.98
C LYS B 184 6.38 7.38 21.30
N PHE B 185 5.62 7.01 22.32
CA PHE B 185 5.46 5.61 22.70
C PHE B 185 4.87 4.83 21.54
N GLU B 186 3.88 5.41 20.88
CA GLU B 186 3.27 4.75 19.73
C GLU B 186 4.30 4.53 18.62
N ALA B 187 5.16 5.52 18.41
CA ALA B 187 6.20 5.41 17.38
C ALA B 187 7.22 4.32 17.66
N ILE B 188 7.69 4.23 18.90
CA ILE B 188 8.74 3.28 19.21
C ILE B 188 8.23 1.88 19.54
N ALA B 189 6.90 1.74 19.64
CA ALA B 189 6.30 0.45 19.95
C ALA B 189 5.55 -0.15 18.77
N THR B 190 5.72 0.44 17.59
CA THR B 190 5.06 -0.06 16.39
C THR B 190 5.96 -0.04 15.15
N LEU B 191 5.55 -0.77 14.12
CA LEU B 191 6.21 -0.79 12.81
C LEU B 191 5.19 -0.43 11.74
N PRO B 192 5.65 0.08 10.57
CA PRO B 192 4.72 0.50 9.51
C PRO B 192 4.16 -0.67 8.69
N LYS B 193 4.83 -1.81 8.74
CA LYS B 193 4.39 -3.01 8.04
C LYS B 193 4.72 -4.19 8.94
N PRO B 194 4.21 -5.39 8.58
CA PRO B 194 4.64 -6.58 9.30
C PRO B 194 6.15 -6.70 9.22
N TRP B 195 6.75 -7.26 10.27
CA TRP B 195 8.20 -7.35 10.40
C TRP B 195 8.86 -7.86 9.12
N ALA B 196 8.32 -8.93 8.56
CA ALA B 196 8.91 -9.61 7.42
C ALA B 196 8.97 -8.71 6.18
N ASP B 197 8.15 -7.67 6.17
CA ASP B 197 8.11 -6.78 5.02
C ASP B 197 8.80 -5.44 5.29
N CYS B 198 9.49 -5.33 6.42
CA CYS B 198 10.23 -4.12 6.78
C CYS B 198 11.71 -4.21 6.40
N SER B 199 12.31 -3.06 6.07
CA SER B 199 13.75 -2.99 5.89
C SER B 199 14.37 -2.93 7.27
N ARG B 200 15.65 -3.27 7.37
CA ARG B 200 16.34 -3.22 8.65
C ARG B 200 16.37 -1.80 9.20
N GLN B 201 16.48 -0.82 8.30
CA GLN B 201 16.45 0.60 8.68
C GLN B 201 15.11 0.98 9.31
N GLN B 202 14.02 0.46 8.75
CA GLN B 202 12.70 0.78 9.27
C GLN B 202 12.52 0.24 10.69
N ILE B 203 13.15 -0.89 10.97
CA ILE B 203 13.04 -1.50 12.28
C ILE B 203 14.00 -0.86 13.29
N ASP B 204 15.28 -0.78 12.95
CA ASP B 204 16.29 -0.37 13.91
C ASP B 204 16.24 1.12 14.29
N LYS B 205 15.71 1.95 13.40
CA LYS B 205 15.78 3.40 13.60
C LYS B 205 14.43 4.06 13.86
N ARG B 206 13.62 3.44 14.74
CA ARG B 206 12.32 4.00 15.09
C ARG B 206 12.39 5.01 16.22
N GLY B 207 13.40 4.88 17.06
CA GLY B 207 13.57 5.78 18.18
C GLY B 207 14.06 7.15 17.76
N LYS B 208 14.50 7.26 16.51
CA LYS B 208 14.94 8.54 15.97
C LYS B 208 13.93 9.14 15.01
N LYS B 209 12.90 8.37 14.64
CA LYS B 209 11.94 8.83 13.66
C LYS B 209 11.13 10.01 14.20
N MET B 210 10.91 11.02 13.35
CA MET B 210 10.10 12.15 13.74
C MET B 210 8.68 11.69 14.11
N VAL B 211 8.12 12.33 15.15
CA VAL B 211 6.81 11.99 15.66
C VAL B 211 5.83 13.08 15.25
N ASN B 212 4.60 12.68 14.94
CA ASN B 212 3.57 13.64 14.55
C ASN B 212 2.20 13.22 15.05
N ASN B 213 1.28 14.17 15.18
CA ASN B 213 -0.09 13.81 15.51
C ASN B 213 -1.07 14.18 14.40
N TYR B 214 -0.55 14.33 13.19
CA TYR B 214 -1.38 14.49 11.99
C TYR B 214 -1.97 13.14 11.58
N GLU B 215 -1.12 12.12 11.50
CA GLU B 215 -1.56 10.81 11.03
C GLU B 215 -2.53 10.15 12.00
N GLN B 216 -3.69 9.74 11.48
CA GLN B 216 -4.71 9.04 12.25
C GLN B 216 -5.30 7.94 11.40
N TYR B 217 -5.59 6.80 12.02
CA TYR B 217 -6.31 5.72 11.38
C TYR B 217 -7.67 5.63 12.07
N ILE B 218 -8.75 5.76 11.30
CA ILE B 218 -10.09 5.83 11.89
C ILE B 218 -10.93 4.64 11.43
N SER B 219 -11.33 3.80 12.37
CA SER B 219 -12.18 2.65 12.09
C SER B 219 -13.64 3.08 12.28
N VAL B 220 -14.52 2.65 11.39
CA VAL B 220 -15.94 2.96 11.56
C VAL B 220 -16.71 1.67 11.69
N ILE B 221 -17.41 1.53 12.81
CA ILE B 221 -18.04 0.26 13.17
C ILE B 221 -19.54 0.39 13.23
N LYS B 222 -20.22 -0.73 13.01
CA LYS B 222 -21.64 -0.83 13.24
C LYS B 222 -21.81 -1.55 14.57
N THR B 223 -22.59 -0.97 15.46
CA THR B 223 -22.79 -1.54 16.78
C THR B 223 -24.15 -1.10 17.30
N GLY B 224 -24.32 -1.08 18.60
CA GLY B 224 -25.56 -0.60 19.17
C GLY B 224 -25.65 -0.86 20.64
N ILE B 225 -26.79 -0.51 21.20
CA ILE B 225 -27.06 -0.77 22.61
C ILE B 225 -28.56 -0.79 22.77
N GLY B 226 -29.06 -1.73 23.56
CA GLY B 226 -30.49 -1.98 23.60
C GLY B 226 -30.96 -2.22 22.18
N GLU B 227 -32.00 -1.52 21.77
CA GLU B 227 -32.53 -1.68 20.42
C GLU B 227 -31.97 -0.64 19.44
N ALA B 228 -31.13 0.25 19.94
CA ALA B 228 -30.55 1.30 19.10
C ALA B 228 -29.40 0.76 18.26
N LYS B 229 -29.43 1.03 16.95
CA LYS B 229 -28.32 0.72 16.06
C LYS B 229 -27.46 1.97 15.88
N MET B 230 -26.14 1.82 15.92
CA MET B 230 -25.24 2.98 15.92
C MET B 230 -24.04 2.77 15.02
N LEU B 231 -23.65 3.83 14.31
CA LEU B 231 -22.40 3.85 13.58
C LEU B 231 -21.43 4.69 14.41
N LEU B 232 -20.28 4.12 14.76
CA LEU B 232 -19.34 4.80 15.64
C LEU B 232 -17.97 4.87 14.97
N ALA B 233 -17.44 6.08 14.81
CA ALA B 233 -16.09 6.23 14.25
C ALA B 233 -15.09 6.46 15.39
N GLY B 234 -13.94 5.80 15.32
CA GLY B 234 -12.95 5.98 16.36
C GLY B 234 -11.55 5.75 15.88
N GLU B 235 -10.61 6.53 16.39
CA GLU B 235 -9.20 6.31 16.07
C GLU B 235 -8.72 5.01 16.70
N VAL B 236 -7.93 4.26 15.94
CA VAL B 236 -7.33 3.02 16.40
C VAL B 236 -5.82 3.16 16.29
N ASP B 237 -5.11 2.70 17.32
CA ASP B 237 -3.68 2.97 17.41
C ASP B 237 -2.82 2.02 16.57
N CYS B 238 -3.14 0.73 16.61
CA CYS B 238 -2.35 -0.25 15.87
C CYS B 238 -3.03 -1.59 15.78
N VAL B 239 -2.39 -2.49 15.05
CA VAL B 239 -2.81 -3.86 14.89
C VAL B 239 -1.91 -4.72 15.76
N TRP B 240 -2.49 -5.64 16.52
CA TRP B 240 -1.70 -6.49 17.42
C TRP B 240 -0.94 -7.59 16.66
N ASP B 241 -1.56 -8.17 15.65
CA ASP B 241 -0.90 -9.25 14.92
C ASP B 241 -0.94 -9.09 13.41
N TYR B 242 -2.14 -9.12 12.84
CA TYR B 242 -2.29 -9.02 11.41
C TYR B 242 -3.70 -8.58 11.06
N ILE B 243 -3.86 -8.16 9.81
CA ILE B 243 -5.18 -7.84 9.27
C ILE B 243 -5.65 -9.03 8.46
N PRO B 244 -6.76 -9.66 8.87
CA PRO B 244 -7.22 -10.88 8.19
C PRO B 244 -7.27 -10.69 6.68
N GLU B 245 -6.74 -11.65 5.94
CA GLU B 245 -6.64 -11.56 4.49
C GLU B 245 -8.02 -11.44 3.86
N ASP B 246 -8.98 -12.18 4.40
CA ASP B 246 -10.35 -12.14 3.90
C ASP B 246 -11.07 -10.90 4.41
N GLY B 247 -10.45 -10.18 5.33
CA GLY B 247 -11.01 -8.96 5.88
C GLY B 247 -12.24 -9.19 6.73
N LYS B 248 -12.18 -10.20 7.59
CA LYS B 248 -13.30 -10.51 8.47
C LYS B 248 -12.89 -10.34 9.93
N ASP B 249 -13.80 -9.84 10.74
CA ASP B 249 -13.55 -9.61 12.17
C ASP B 249 -12.22 -8.89 12.43
N VAL B 250 -11.96 -7.82 11.69
CA VAL B 250 -10.72 -7.07 11.86
C VAL B 250 -10.65 -6.38 13.22
N LEU B 251 -11.80 -6.02 13.77
CA LEU B 251 -11.84 -5.31 15.06
C LEU B 251 -11.05 -6.00 16.17
N SER B 252 -11.15 -7.33 16.21
CA SER B 252 -10.52 -8.13 17.25
C SER B 252 -9.00 -8.12 17.12
N HIS B 253 -8.49 -7.52 16.05
CA HIS B 253 -7.05 -7.51 15.79
C HIS B 253 -6.41 -6.18 16.13
N TYR B 254 -7.24 -5.22 16.53
CA TYR B 254 -6.77 -3.89 16.88
C TYR B 254 -6.37 -3.80 18.35
N MET B 255 -5.57 -2.80 18.69
CA MET B 255 -5.25 -2.54 20.08
C MET B 255 -5.05 -1.05 20.31
N GLU B 256 -5.27 -0.60 21.54
CA GLU B 256 -4.95 0.77 21.92
C GLU B 256 -3.62 0.85 22.66
N LEU B 257 -2.97 2.01 22.58
CA LEU B 257 -1.68 2.23 23.21
C LEU B 257 -1.72 3.50 24.05
N LYS B 258 -1.47 3.36 25.35
CA LYS B 258 -1.49 4.50 26.26
C LYS B 258 -0.18 4.60 27.03
N THR B 259 0.06 5.79 27.59
CA THR B 259 1.21 5.99 28.46
C THR B 259 0.76 6.74 29.70
N THR B 260 1.45 6.49 30.81
CA THR B 260 1.12 7.14 32.08
C THR B 260 2.34 7.07 32.98
N ARG B 261 2.31 7.81 34.09
CA ARG B 261 3.45 7.83 34.99
C ARG B 261 3.52 6.51 35.76
N ILE B 262 4.75 6.10 36.11
CA ILE B 262 4.94 4.94 36.97
C ILE B 262 4.16 5.12 38.26
N LEU B 263 3.76 4.00 38.86
CA LEU B 263 2.97 4.02 40.08
C LEU B 263 3.85 3.71 41.28
N GLU B 264 4.01 4.69 42.16
CA GLU B 264 4.92 4.56 43.30
C GLU B 264 4.20 4.67 44.64
N SER B 265 2.89 4.87 44.60
CA SER B 265 2.12 4.97 45.83
C SER B 265 0.67 4.57 45.61
N ASN B 266 -0.03 4.30 46.71
CA ASN B 266 -1.43 3.93 46.67
C ASN B 266 -2.28 5.01 46.00
N GLY B 267 -2.01 6.27 46.34
CA GLY B 267 -2.72 7.39 45.76
C GLY B 267 -2.60 7.42 44.25
N GLN B 268 -1.40 7.11 43.75
CA GLN B 268 -1.19 7.08 42.31
C GLN B 268 -1.97 5.93 41.65
N VAL B 269 -2.12 4.83 42.36
CA VAL B 269 -2.88 3.71 41.81
C VAL B 269 -4.36 4.08 41.63
N VAL B 270 -4.92 4.80 42.61
CA VAL B 270 -6.33 5.18 42.53
C VAL B 270 -6.57 6.14 41.37
N ASN B 271 -5.63 7.05 41.14
CA ASN B 271 -5.73 7.95 39.99
C ASN B 271 -5.62 7.16 38.69
N PHE B 272 -4.83 6.10 38.71
CA PHE B 272 -4.71 5.23 37.54
C PHE B 272 -6.02 4.51 37.23
N GLU B 273 -6.76 4.13 38.27
CA GLU B 273 -8.05 3.48 38.07
C GLU B 273 -9.04 4.40 37.36
N LYS B 274 -8.93 5.70 37.58
CA LYS B 274 -9.81 6.65 36.93
C LYS B 274 -9.52 6.66 35.42
N LYS B 275 -8.24 6.61 35.09
CA LYS B 275 -7.83 6.53 33.69
C LYS B 275 -8.27 5.21 33.07
N LEU B 276 -8.15 4.14 33.84
CA LEU B 276 -8.54 2.80 33.39
C LEU B 276 -10.01 2.77 33.02
N PHE B 277 -10.84 3.43 33.83
CA PHE B 277 -12.26 3.51 33.55
C PHE B 277 -12.49 4.18 32.19
N LYS B 278 -11.82 5.29 31.94
CA LYS B 278 -11.97 6.00 30.68
C LYS B 278 -11.48 5.15 29.51
N THR B 279 -10.38 4.44 29.71
CA THR B 279 -9.84 3.55 28.68
C THR B 279 -10.78 2.39 28.39
N TRP B 280 -11.39 1.83 29.44
CA TRP B 280 -12.39 0.78 29.27
C TRP B 280 -13.56 1.30 28.45
N ALA B 281 -14.06 2.47 28.80
CA ALA B 281 -15.20 3.04 28.09
C ALA B 281 -14.89 3.18 26.60
N GLN B 282 -13.71 3.71 26.28
CA GLN B 282 -13.30 3.92 24.89
C GLN B 282 -13.22 2.63 24.09
N CYS B 283 -12.54 1.64 24.66
CA CYS B 283 -12.35 0.37 23.98
C CYS B 283 -13.62 -0.47 23.93
N PHE B 284 -14.35 -0.50 25.04
CA PHE B 284 -15.60 -1.26 25.09
C PHE B 284 -16.58 -0.81 24.00
N LEU B 285 -16.77 0.49 23.86
CA LEU B 285 -17.71 1.01 22.86
C LEU B 285 -17.27 0.67 21.45
N MET B 286 -15.96 0.58 21.26
CA MET B 286 -15.39 0.41 19.93
C MET B 286 -15.10 -1.06 19.59
N GLY B 287 -15.33 -1.95 20.55
CA GLY B 287 -15.03 -3.36 20.35
C GLY B 287 -13.54 -3.67 20.31
N ILE B 288 -12.73 -2.78 20.88
CA ILE B 288 -11.30 -3.02 20.95
C ILE B 288 -11.00 -3.89 22.16
N ARG B 289 -10.30 -5.00 21.94
CA ARG B 289 -10.15 -6.03 22.95
C ARG B 289 -8.86 -5.97 23.76
N LYS B 290 -7.91 -5.16 23.31
CA LYS B 290 -6.62 -5.05 23.98
C LYS B 290 -6.14 -3.61 24.13
N VAL B 291 -5.50 -3.32 25.26
CA VAL B 291 -4.81 -2.04 25.42
C VAL B 291 -3.48 -2.28 26.14
N VAL B 292 -2.45 -1.60 25.67
CA VAL B 292 -1.16 -1.65 26.33
C VAL B 292 -0.87 -0.28 26.95
N TYR B 293 -0.49 -0.28 28.23
CA TYR B 293 -0.01 0.93 28.87
C TYR B 293 1.50 0.88 28.98
N GLY B 294 2.16 1.97 28.61
CA GLY B 294 3.56 2.14 28.93
C GLY B 294 3.65 3.03 30.16
N PHE B 295 4.51 2.66 31.11
CA PHE B 295 4.70 3.44 32.31
C PHE B 295 6.07 4.11 32.25
N ARG B 296 6.09 5.44 32.40
CA ARG B 296 7.33 6.21 32.29
C ARG B 296 7.63 6.95 33.58
N ASP B 297 8.91 7.25 33.80
CA ASP B 297 9.28 8.03 34.99
C ASP B 297 9.30 9.53 34.70
N ASP B 298 9.69 10.34 35.68
CA ASP B 298 9.64 11.79 35.50
C ASP B 298 10.70 12.28 34.51
N SER B 299 11.63 11.41 34.17
CA SER B 299 12.59 11.70 33.12
C SER B 299 12.14 11.08 31.78
N PHE B 300 10.91 10.56 31.77
CA PHE B 300 10.30 10.01 30.56
C PHE B 300 10.91 8.70 30.04
N PHE B 301 11.67 8.01 30.88
CA PHE B 301 12.16 6.69 30.49
C PHE B 301 11.05 5.65 30.66
N LEU B 302 10.89 4.79 29.66
CA LEU B 302 9.92 3.70 29.72
C LEU B 302 10.39 2.60 30.67
N ARG B 303 9.66 2.42 31.77
CA ARG B 303 10.11 1.50 32.83
C ARG B 303 9.33 0.19 32.89
N ASP B 304 8.03 0.25 32.58
CA ASP B 304 7.20 -0.94 32.60
C ASP B 304 6.19 -0.88 31.47
N VAL B 305 5.66 -2.04 31.10
CA VAL B 305 4.59 -2.14 30.12
C VAL B 305 3.62 -3.20 30.63
N GLU B 306 2.33 -2.98 30.41
CA GLU B 306 1.34 -3.98 30.78
C GLU B 306 0.26 -4.06 29.71
N LEU B 307 -0.13 -5.28 29.37
CA LEU B 307 -1.21 -5.50 28.42
C LEU B 307 -2.47 -5.89 29.17
N TYR B 308 -3.56 -5.17 28.92
CA TYR B 308 -4.82 -5.46 29.57
C TYR B 308 -5.86 -5.93 28.57
N LYS B 309 -6.65 -6.93 28.96
CA LYS B 309 -7.83 -7.29 28.21
C LYS B 309 -8.94 -6.34 28.60
N THR B 310 -9.58 -5.74 27.60
CA THR B 310 -10.67 -4.81 27.88
C THR B 310 -11.69 -5.40 28.84
N GLU B 311 -12.03 -6.67 28.65
CA GLU B 311 -13.07 -7.33 29.45
C GLU B 311 -12.71 -7.46 30.92
N GLU B 312 -11.43 -7.33 31.24
CA GLU B 312 -11.00 -7.50 32.62
C GLU B 312 -10.77 -6.17 33.34
N ILE B 313 -10.77 -5.06 32.61
CA ILE B 313 -10.53 -3.77 33.24
C ILE B 313 -11.52 -3.49 34.38
N PRO B 314 -12.81 -3.80 34.17
CA PRO B 314 -13.75 -3.52 35.26
C PRO B 314 -13.35 -4.18 36.58
N LEU B 315 -12.67 -5.32 36.50
CA LEU B 315 -12.26 -6.03 37.71
C LEU B 315 -10.88 -5.59 38.23
N LEU B 316 -10.12 -4.92 37.38
CA LEU B 316 -8.84 -4.37 37.79
C LEU B 316 -9.08 -3.08 38.56
N ILE B 317 -10.28 -2.54 38.44
CA ILE B 317 -10.66 -1.34 39.17
C ILE B 317 -11.30 -1.75 40.50
N LYS B 318 -10.59 -1.50 41.60
CA LYS B 318 -11.05 -1.90 42.91
C LYS B 318 -10.98 -0.75 43.92
N GLY B 329 -17.84 9.06 42.67
CA GLY B 329 -18.01 8.05 43.70
C GLY B 329 -17.33 6.74 43.33
N LYS B 330 -17.92 5.64 43.77
CA LYS B 330 -17.37 4.32 43.49
C LYS B 330 -17.72 3.86 42.07
N ILE B 331 -16.71 3.70 41.24
CA ILE B 331 -16.94 3.42 39.81
C ILE B 331 -17.57 2.05 39.58
N ASN B 332 -18.71 2.05 38.91
CA ASN B 332 -19.41 0.82 38.57
C ASN B 332 -19.70 0.83 37.08
N CYS B 333 -19.03 -0.04 36.34
CA CYS B 333 -19.15 -0.05 34.88
C CYS B 333 -20.53 -0.48 34.41
N THR B 334 -21.20 -1.32 35.21
CA THR B 334 -22.53 -1.78 34.85
C THR B 334 -23.52 -0.63 34.93
N THR B 335 -23.48 0.10 36.05
CA THR B 335 -24.32 1.27 36.23
C THR B 335 -24.07 2.29 35.13
N ALA B 336 -22.80 2.52 34.82
CA ALA B 336 -22.42 3.43 33.75
C ALA B 336 -23.12 3.06 32.44
N LEU B 337 -23.13 1.77 32.13
CA LEU B 337 -23.71 1.27 30.89
C LEU B 337 -25.24 1.40 30.89
N LYS B 338 -25.86 1.19 32.05
CA LYS B 338 -27.30 1.39 32.21
C LYS B 338 -27.67 2.85 32.03
N TRP B 339 -26.81 3.75 32.53
CA TRP B 339 -27.01 5.17 32.33
C TRP B 339 -26.89 5.52 30.85
N TYR B 340 -25.84 5.02 30.23
CA TYR B 340 -25.59 5.26 28.81
C TYR B 340 -26.77 4.78 27.97
N GLY B 341 -27.25 3.57 28.26
CA GLY B 341 -28.43 3.04 27.61
C GLY B 341 -29.63 3.96 27.75
N ALA B 342 -29.79 4.54 28.93
CA ALA B 342 -30.93 5.43 29.19
C ALA B 342 -30.83 6.71 28.39
N VAL B 343 -29.61 7.24 28.27
CA VAL B 343 -29.38 8.44 27.48
C VAL B 343 -29.70 8.18 26.02
N ILE B 344 -29.19 7.07 25.49
CA ILE B 344 -29.43 6.76 24.08
C ILE B 344 -30.92 6.58 23.78
N GLU B 345 -31.61 5.80 24.62
CA GLU B 345 -33.05 5.64 24.48
C GLU B 345 -33.79 6.97 24.56
N TRP B 346 -33.34 7.85 25.45
CA TRP B 346 -34.00 9.14 25.67
C TRP B 346 -33.91 10.00 24.42
N LEU B 347 -32.71 10.06 23.83
CA LEU B 347 -32.52 10.82 22.62
C LEU B 347 -33.42 10.29 21.49
N LEU B 348 -33.52 8.97 21.38
CA LEU B 348 -34.31 8.38 20.31
C LEU B 348 -35.80 8.61 20.55
N GLN B 349 -36.18 8.78 21.82
CA GLN B 349 -37.57 9.01 22.18
C GLN B 349 -37.99 10.48 22.05
N GLU B 350 -37.04 11.38 22.30
CA GLU B 350 -37.39 12.79 22.48
C GLU B 350 -37.08 13.65 21.26
N ILE B 351 -36.26 13.14 20.36
CA ILE B 351 -35.94 13.88 19.15
C ILE B 351 -36.73 13.34 17.97
N PRO B 352 -37.72 14.11 17.50
CA PRO B 352 -38.53 13.69 16.34
C PRO B 352 -37.62 13.24 15.20
N ARG B 353 -37.72 11.98 14.82
CA ARG B 353 -36.77 11.37 13.88
C ARG B 353 -36.90 11.91 12.45
N ASP B 354 -38.09 12.39 12.08
CA ASP B 354 -38.32 12.79 10.70
C ASP B 354 -38.60 14.27 10.54
N ASP B 355 -38.27 15.03 11.57
CA ASP B 355 -38.45 16.48 11.53
C ASP B 355 -37.09 17.14 11.31
N THR B 356 -36.87 17.65 10.11
CA THR B 356 -35.58 18.23 9.77
C THR B 356 -35.53 19.74 9.97
N SER B 357 -36.52 20.29 10.68
CA SER B 357 -36.59 21.72 10.87
C SER B 357 -35.91 22.21 12.15
N LYS B 358 -35.40 21.28 12.96
CA LYS B 358 -34.84 21.63 14.26
C LYS B 358 -33.52 20.93 14.50
N ALA B 359 -32.71 21.52 15.38
CA ALA B 359 -31.49 20.89 15.89
C ALA B 359 -31.51 20.99 17.40
N TYR B 360 -30.72 20.14 18.06
CA TYR B 360 -30.77 20.06 19.53
C TYR B 360 -29.39 20.10 20.16
N ARG B 361 -29.34 20.61 21.38
CA ARG B 361 -28.12 20.60 22.17
C ARG B 361 -28.32 19.66 23.36
N VAL B 362 -27.42 18.70 23.50
CA VAL B 362 -27.41 17.85 24.66
C VAL B 362 -26.27 18.33 25.53
N SER B 363 -26.56 18.66 26.78
CA SER B 363 -25.55 19.27 27.61
C SER B 363 -25.55 18.71 29.02
N PHE B 364 -24.35 18.50 29.55
CA PHE B 364 -24.21 18.27 30.98
C PHE B 364 -23.47 19.44 31.60
N ASP B 365 -24.10 20.07 32.58
CA ASP B 365 -23.54 21.24 33.26
C ASP B 365 -23.02 20.83 34.63
N PRO B 366 -21.70 20.83 34.81
CA PRO B 366 -21.08 20.35 36.06
C PRO B 366 -21.43 21.18 37.29
N SER B 367 -21.81 22.44 37.10
CA SER B 367 -22.07 23.31 38.24
C SER B 367 -23.42 23.02 38.90
N THR B 368 -24.35 22.48 38.12
CA THR B 368 -25.68 22.13 38.63
C THR B 368 -25.91 20.64 38.48
N ARG B 369 -24.99 19.96 37.82
CA ARG B 369 -25.08 18.54 37.54
C ARG B 369 -26.42 18.17 36.92
N THR B 370 -26.82 18.93 35.91
CA THR B 370 -28.05 18.64 35.18
C THR B 370 -27.73 18.20 33.74
N PHE B 371 -28.39 17.13 33.32
CA PHE B 371 -28.27 16.63 31.95
C PHE B 371 -29.51 17.05 31.17
N THR B 372 -29.29 17.85 30.14
CA THR B 372 -30.35 18.55 29.47
C THR B 372 -30.38 18.34 27.95
N LEU B 373 -31.58 18.41 27.38
CA LEU B 373 -31.78 18.38 25.93
C LEU B 373 -32.60 19.60 25.54
N ARG B 374 -32.02 20.48 24.73
CA ARG B 374 -32.75 21.68 24.35
C ARG B 374 -32.73 21.97 22.84
N GLU B 375 -33.78 22.64 22.40
CA GLU B 375 -33.90 23.02 21.00
C GLU B 375 -33.03 24.23 20.71
N LEU B 376 -32.20 24.13 19.68
CA LEU B 376 -31.34 25.25 19.31
C LEU B 376 -32.10 26.25 18.48
N MET B 377 -31.55 27.46 18.33
CA MET B 377 -32.14 28.48 17.50
C MET B 377 -32.16 28.02 16.05
N GLY B 378 -33.06 28.58 15.27
CA GLY B 378 -33.17 28.24 13.85
C GLY B 378 -31.86 28.49 13.11
N ASN B 379 -31.19 29.59 13.45
CA ASN B 379 -29.93 29.87 12.77
C ASN B 379 -28.78 28.94 13.14
N GLU B 380 -28.83 28.38 14.35
CA GLU B 380 -27.89 27.33 14.73
C GLU B 380 -28.20 26.06 13.93
N ASN B 381 -29.48 25.78 13.73
CA ASN B 381 -29.89 24.65 12.90
C ASN B 381 -29.38 24.83 11.47
N SER B 382 -29.53 26.05 10.95
CA SER B 382 -29.07 26.39 9.61
C SER B 382 -27.56 26.16 9.47
N ARG B 383 -26.78 26.65 10.44
CA ARG B 383 -25.33 26.46 10.41
C ARG B 383 -24.96 24.99 10.38
N LEU B 384 -25.59 24.22 11.24
CA LEU B 384 -25.24 22.81 11.35
C LEU B 384 -25.59 22.03 10.08
N ARG B 385 -26.75 22.34 9.50
CA ARG B 385 -27.24 21.57 8.35
C ARG B 385 -26.60 21.96 7.04
N ASN B 386 -25.91 23.09 7.04
CA ASN B 386 -25.34 23.63 5.81
C ASN B 386 -23.84 23.83 5.91
N GLY B 387 -23.16 22.83 6.47
CA GLY B 387 -21.71 22.85 6.53
C GLY B 387 -21.08 22.17 7.72
N GLU B 388 -21.41 22.60 8.94
CA GLU B 388 -20.68 22.11 10.11
C GLU B 388 -20.90 20.63 10.40
N MET B 389 -22.15 20.19 10.36
CA MET B 389 -22.47 18.78 10.56
C MET B 389 -22.70 18.07 9.22
N LEU B 390 -23.71 18.50 8.48
CA LEU B 390 -23.99 17.91 7.18
C LEU B 390 -23.27 18.65 6.07
N THR B 391 -22.75 17.91 5.10
CA THR B 391 -22.10 18.52 3.95
C THR B 391 -23.06 18.52 2.78
N SER B 392 -22.82 19.42 1.84
CA SER B 392 -23.64 19.47 0.64
C SER B 392 -23.57 18.15 -0.13
N GLU B 393 -22.39 17.55 -0.21
CA GLU B 393 -22.21 16.32 -1.00
C GLU B 393 -22.94 15.13 -0.38
N PHE B 394 -23.00 15.08 0.95
CA PHE B 394 -23.67 13.99 1.63
C PHE B 394 -25.16 14.11 1.41
N LYS B 395 -25.67 15.33 1.56
CA LYS B 395 -27.10 15.56 1.33
C LYS B 395 -27.50 15.24 -0.10
N GLN B 396 -26.69 15.66 -1.07
CA GLN B 396 -26.97 15.35 -2.47
C GLN B 396 -26.99 13.85 -2.73
N TRP B 397 -26.06 13.13 -2.12
CA TRP B 397 -26.05 11.66 -2.21
C TRP B 397 -27.33 11.05 -1.63
N ARG B 398 -27.67 11.39 -0.39
CA ARG B 398 -28.84 10.81 0.25
C ARG B 398 -30.13 11.17 -0.50
N GLU B 399 -30.17 12.38 -1.05
CA GLU B 399 -31.33 12.80 -1.85
C GLU B 399 -31.48 11.97 -3.11
N SER B 400 -30.36 11.53 -3.67
CA SER B 400 -30.38 10.84 -4.96
C SER B 400 -30.87 9.40 -4.85
N ILE B 401 -30.79 8.84 -3.64
CA ILE B 401 -31.20 7.46 -3.43
C ILE B 401 -32.70 7.31 -3.62
#